data_8V0G
#
_entry.id   8V0G
#
_cell.length_a   1.00
_cell.length_b   1.00
_cell.length_c   1.00
_cell.angle_alpha   90.00
_cell.angle_beta   90.00
_cell.angle_gamma   90.00
#
_symmetry.space_group_name_H-M   'P 1'
#
loop_
_entity.id
_entity.type
_entity.pdbx_description
1 polymer 'Niemann-Pick type C1-related protein'
2 non-polymer CHOLESTEROL
3 non-polymer 2-acetamido-2-deoxy-beta-D-glucopyranose
#
_entity_poly.entity_id   1
_entity_poly.type   'polypeptide(L)'
_entity_poly.pdbx_seq_one_letter_code
;MFVKNFIHKLKELKQKSLDKFANLLYDYGGYVYDRPCTFIICSLICCLLLTCGFYFKEHEKDIYKLYSISNSYAYETNET
INDFFYKSRRCFILVESNVNLLKPKILRELQKFEEGTKDIEVDLSEINECKTNSELPPEQSHVAKELYKTLIQRSEENLK
SGKINGSLFDYSDLDENGKSVLSLAGKENNDDTLIEGDNKNDEETSANNNNNEDDNNEDDNNEDDNNEDDNNENDNNNNN
EDDNNNDDDDDEDNEEEDEEKQKSLREKLYRKIYEMLKKKKENIVLDENNPNVNFTDYKDDVFYPYQYIPPMLIKADRCK
LQNVFGDKNLNIDLREASDGLKKQITYTLEDICEKKYGDCNFSSLFLYYEKGNGYIDYPIKVDNLDFYVNRRTYKEMMFK
GILGNMVYEKSGSKYIIKSANAIMTVIPLLNSHTYEPYALAYEKKLIDYVRFYNLDDIIQDEETNDDNDPFIRFHVFTDR
SLEDEVDRISKIDNLTRLLLLIGVLLIFMYALFNNVTSVLYRSKPLCAVMGIFCGFLGFLSGSGFLYFLGVKSVPPAETV
PFLVIGVGVDDVFVILNSYSLLFMVKDNKKRIQMCLKDSALAITVTTLTNIIAFLISAISPFYSICAFSLFTASSLFFGY
LMVLTFLLSFLCIEAKLEKKKRNIFTGTFHLFRSIFMKSSKKNKKENKENNIHDDGDNDNDEKKKDLSLEVKNNEDDYEN
ISIYEWIHNLYLFEESINKKKKNAALVYASNNGMSSNLNNVNEDGFPNPSKIVSMEDVKKRNIKKDDAYINKEDEEGGGY
YNKDDNKKKDILGKKQKKNNNNVTLVSKKGEDNELDVYYENLDEKTNDKYKMNNIKSSKLKYDNDKKDGAIINNRPSSDE
EYKEEKDKNKINILNDVFNDITIKPNENILLDRGDVIKSSGYDSSYNDLQSSSLPNPSSNEVLNKTTMVYNETDLKDNKK
EIKSSKKNVKDIKKSDMIHDDTYDIINSNNKNILLSSNEINNNSNNTNKFNNNSTELATKDTQQFINGHDKNIYLLSSHD
NALFYKYIYEEPKGNIGKYFRSLVKNYYVPFLSSRFGKTIVYIMFTIIIAMSIYGCTLMKKGIKYDKAFPVDSYVRRFTT
AKIKYFPDFGDFIEVYYFDKHFINKYRGLEKNTKEAASSFLYSDLTDRQIMNSPKINKNVHWENTNLQEELINMHNTLES
QEFVTSVANGFTFFLNKNKSSLRKENPQEFYEIFANWLKKDFVGNLFKNDFVFLNGKLVAWRFHYFQKNVDDSEISSKWL
KACKQITKLENHNVQMVCFHLSSIFNETDESIIEVTLINLGITILTILVVTAYIIKGFYSCVIIALIIFLIDLCIFGFMC
LCGITMNIISMVILVLSVGFSIDHTSHIVQAFSHSMGRTRDEKMKESLHLMIGPVLHSGLSTWFVISTLFFSNKDFTVIF
FQTLSLVLFFSITFSSMFLPVLLSSFGPLH
;
_entity_poly.pdbx_strand_id   A
#
loop_
_chem_comp.id
_chem_comp.type
_chem_comp.name
_chem_comp.formula
CLR non-polymer CHOLESTEROL 'C27 H46 O'
NAG D-saccharide, beta linking 2-acetamido-2-deoxy-beta-D-glucopyranose 'C8 H15 N O6'
#
# COMPACT_ATOMS: atom_id res chain seq x y z
N VAL A 3 -31.53 -30.32 30.14
CA VAL A 3 -30.89 -29.70 28.98
C VAL A 3 -31.93 -29.20 27.99
N LYS A 4 -32.94 -30.01 27.72
CA LYS A 4 -34.00 -29.59 26.83
C LYS A 4 -34.68 -28.36 27.39
N ASN A 5 -34.94 -28.37 28.69
CA ASN A 5 -35.59 -27.25 29.34
C ASN A 5 -34.72 -26.01 29.23
N PHE A 6 -33.42 -26.18 29.42
CA PHE A 6 -32.50 -25.07 29.29
C PHE A 6 -32.56 -24.48 27.90
N ILE A 7 -32.55 -25.33 26.89
CA ILE A 7 -32.61 -24.85 25.51
C ILE A 7 -33.91 -24.09 25.29
N HIS A 8 -34.99 -24.60 25.84
CA HIS A 8 -36.28 -23.93 25.70
C HIS A 8 -36.19 -22.53 26.28
N LYS A 9 -35.68 -22.44 27.50
CA LYS A 9 -35.57 -21.15 28.16
C LYS A 9 -34.73 -20.20 27.32
N LEU A 10 -33.64 -20.71 26.77
CA LEU A 10 -32.78 -19.88 25.94
C LEU A 10 -33.55 -19.33 24.75
N LYS A 11 -34.19 -20.20 24.00
CA LYS A 11 -34.92 -19.74 22.84
C LYS A 11 -35.90 -18.70 23.30
N GLU A 12 -36.39 -18.84 24.53
CA GLU A 12 -37.34 -17.89 25.07
C GLU A 12 -36.65 -16.57 25.29
N LEU A 13 -35.47 -16.61 25.89
CA LEU A 13 -34.71 -15.39 26.10
C LEU A 13 -34.49 -14.67 24.79
N LYS A 14 -33.80 -15.33 23.86
CA LYS A 14 -33.48 -14.69 22.60
C LYS A 14 -34.68 -13.93 22.09
N GLN A 15 -35.78 -14.63 21.86
CA GLN A 15 -36.96 -13.97 21.33
C GLN A 15 -37.34 -12.81 22.22
N LYS A 16 -37.50 -13.07 23.51
CA LYS A 16 -37.91 -12.03 24.42
C LYS A 16 -37.02 -10.82 24.27
N SER A 17 -35.71 -11.05 24.29
CA SER A 17 -34.78 -9.95 24.17
C SER A 17 -34.93 -9.23 22.85
N LEU A 18 -34.94 -9.99 21.76
CA LEU A 18 -35.06 -9.38 20.45
C LEU A 18 -36.27 -8.49 20.44
N ASP A 19 -37.36 -9.00 21.00
CA ASP A 19 -38.58 -8.22 21.04
C ASP A 19 -38.39 -6.97 21.86
N LYS A 20 -37.93 -7.13 23.10
CA LYS A 20 -37.79 -5.98 23.98
C LYS A 20 -37.07 -4.86 23.25
N PHE A 21 -35.93 -5.17 22.64
CA PHE A 21 -35.17 -4.15 21.93
C PHE A 21 -36.11 -3.42 21.01
N ALA A 22 -36.85 -4.17 20.20
CA ALA A 22 -37.77 -3.55 19.26
C ALA A 22 -38.70 -2.61 19.99
N ASN A 23 -39.30 -3.10 21.06
CA ASN A 23 -40.27 -2.29 21.78
C ASN A 23 -39.61 -1.00 22.25
N LEU A 24 -38.37 -1.09 22.69
CA LEU A 24 -37.67 0.09 23.15
C LEU A 24 -37.58 1.12 22.04
N LEU A 25 -37.12 0.68 20.88
CA LEU A 25 -36.99 1.58 19.74
C LEU A 25 -38.35 2.13 19.41
N TYR A 26 -39.37 1.31 19.57
CA TYR A 26 -40.72 1.74 19.24
C TYR A 26 -41.04 2.98 20.02
N ASP A 27 -40.68 2.98 21.30
CA ASP A 27 -40.96 4.12 22.14
C ASP A 27 -40.03 5.27 21.80
N TYR A 28 -38.77 4.96 21.58
CA TYR A 28 -37.80 6.00 21.26
C TYR A 28 -38.32 6.80 20.11
N GLY A 29 -38.81 6.11 19.09
CA GLY A 29 -39.37 6.81 17.94
C GLY A 29 -40.34 7.85 18.43
N GLY A 30 -41.26 7.45 19.31
CA GLY A 30 -42.25 8.38 19.78
C GLY A 30 -41.63 9.65 20.31
N TYR A 31 -40.60 9.51 21.13
CA TYR A 31 -39.94 10.68 21.70
C TYR A 31 -39.45 11.59 20.59
N VAL A 32 -38.70 11.03 19.65
CA VAL A 32 -38.19 11.83 18.56
C VAL A 32 -39.33 12.48 17.82
N TYR A 33 -40.36 11.69 17.51
CA TYR A 33 -41.48 12.21 16.76
C TYR A 33 -42.04 13.48 17.40
N ASP A 34 -42.07 13.51 18.72
CA ASP A 34 -42.66 14.65 19.40
C ASP A 34 -41.73 15.86 19.41
N ARG A 35 -40.43 15.62 19.42
CA ARG A 35 -39.47 16.72 19.49
C ARG A 35 -38.40 16.57 18.42
N PRO A 36 -38.81 16.62 17.15
CA PRO A 36 -37.84 16.39 16.07
C PRO A 36 -36.72 17.41 16.09
N CYS A 37 -37.04 18.67 16.30
CA CYS A 37 -36.03 19.72 16.24
C CYS A 37 -34.88 19.50 17.21
N THR A 38 -35.19 19.16 18.45
CA THR A 38 -34.15 18.98 19.44
C THR A 38 -33.15 17.95 18.97
N PHE A 39 -33.65 16.83 18.46
CA PHE A 39 -32.76 15.77 18.03
C PHE A 39 -31.86 16.24 16.89
N ILE A 40 -32.44 16.91 15.90
CA ILE A 40 -31.65 17.35 14.76
C ILE A 40 -30.55 18.31 15.19
N ILE A 41 -30.90 19.32 15.97
CA ILE A 41 -29.91 20.32 16.37
C ILE A 41 -28.80 19.72 17.21
N CYS A 42 -29.17 18.93 18.21
CA CYS A 42 -28.17 18.36 19.10
C CYS A 42 -27.27 17.43 18.33
N SER A 43 -27.87 16.56 17.52
CA SER A 43 -27.07 15.60 16.80
C SER A 43 -26.06 16.32 15.93
N LEU A 44 -26.51 17.37 15.24
CA LEU A 44 -25.62 18.11 14.34
C LEU A 44 -24.47 18.75 15.11
N ILE A 45 -24.80 19.42 16.22
CA ILE A 45 -23.76 20.08 17.00
C ILE A 45 -22.76 19.06 17.53
N CYS A 46 -23.26 17.93 18.04
CA CYS A 46 -22.37 16.90 18.54
C CYS A 46 -21.48 16.41 17.43
N CYS A 47 -22.05 16.24 16.24
CA CYS A 47 -21.25 15.80 15.11
C CYS A 47 -20.14 16.79 14.84
N LEU A 48 -20.49 18.08 14.80
CA LEU A 48 -19.48 19.10 14.53
C LEU A 48 -18.30 18.95 15.47
N LEU A 49 -18.59 18.82 16.76
CA LEU A 49 -17.52 18.71 17.74
C LEU A 49 -16.53 17.63 17.32
N LEU A 50 -17.05 16.46 16.98
CA LEU A 50 -16.18 15.37 16.55
C LEU A 50 -15.40 15.81 15.32
N THR A 51 -16.06 16.55 14.44
CA THR A 51 -15.40 16.98 13.22
C THR A 51 -14.19 17.81 13.58
N CYS A 52 -14.29 18.58 14.66
CA CYS A 52 -13.18 19.41 15.09
C CYS A 52 -11.93 18.57 15.21
N GLY A 53 -12.11 17.31 15.58
CA GLY A 53 -10.97 16.44 15.76
C GLY A 53 -10.00 16.50 14.60
N PHE A 54 -10.51 16.77 13.41
CA PHE A 54 -9.65 16.81 12.24
C PHE A 54 -8.47 17.72 12.50
N TYR A 55 -8.65 18.70 13.37
CA TYR A 55 -7.54 19.58 13.73
C TYR A 55 -6.31 18.78 14.07
N PHE A 56 -6.50 17.61 14.69
CA PHE A 56 -5.36 16.82 15.12
C PHE A 56 -5.01 15.74 14.12
N LYS A 57 -5.54 15.86 12.90
CA LYS A 57 -5.27 14.86 11.88
C LYS A 57 -3.79 14.74 11.61
N GLU A 58 -3.24 13.56 11.87
CA GLU A 58 -1.82 13.34 11.59
C GLU A 58 -1.66 12.20 10.62
N HIS A 59 -1.06 12.46 9.47
CA HIS A 59 -0.92 11.44 8.46
C HIS A 59 0.23 10.49 8.75
N GLU A 60 0.27 9.36 8.06
CA GLU A 60 1.36 8.42 8.23
C GLU A 60 2.02 8.29 6.87
N LYS A 61 3.32 8.55 6.79
CA LYS A 61 3.97 8.56 5.48
C LYS A 61 5.15 7.59 5.36
N ASP A 62 5.25 6.64 6.28
CA ASP A 62 6.31 5.63 6.17
C ASP A 62 5.82 4.46 5.35
N ILE A 63 6.15 4.45 4.07
CA ILE A 63 5.66 3.40 3.19
C ILE A 63 5.76 2.03 3.84
N TYR A 64 6.86 1.76 4.51
CA TYR A 64 7.06 0.44 5.08
C TYR A 64 5.98 0.11 6.11
N LYS A 65 5.76 1.02 7.05
CA LYS A 65 4.71 0.79 8.02
C LYS A 65 3.38 0.72 7.32
N LEU A 66 3.22 1.50 6.27
CA LEU A 66 1.95 1.54 5.57
C LEU A 66 1.67 0.28 4.75
N TYR A 67 2.69 -0.23 4.06
CA TYR A 67 2.46 -1.38 3.19
C TYR A 67 3.46 -2.53 3.35
N SER A 68 3.89 -2.80 4.57
CA SER A 68 4.79 -3.93 4.78
C SER A 68 4.57 -4.56 6.14
N ILE A 69 4.79 -5.87 6.23
CA ILE A 69 4.57 -6.59 7.48
C ILE A 69 5.44 -6.07 8.62
N SER A 70 6.53 -5.39 8.28
CA SER A 70 7.46 -4.96 9.33
C SER A 70 7.86 -6.22 10.07
N ASN A 71 8.28 -7.24 9.33
CA ASN A 71 8.64 -8.51 9.93
C ASN A 71 9.76 -8.41 10.93
N SER A 72 10.53 -7.32 10.88
CA SER A 72 11.67 -7.18 11.77
C SER A 72 12.73 -8.18 11.37
N TYR A 73 12.59 -8.77 10.18
CA TYR A 73 13.60 -9.69 9.69
C TYR A 73 14.32 -9.05 8.51
N ALA A 74 13.62 -8.89 7.40
CA ALA A 74 14.22 -8.23 6.26
C ALA A 74 14.60 -6.82 6.68
N TYR A 75 13.77 -6.20 7.52
CA TYR A 75 14.09 -4.89 8.02
C TYR A 75 15.42 -4.98 8.75
N GLU A 76 15.51 -5.93 9.68
CA GLU A 76 16.74 -6.11 10.41
C GLU A 76 17.89 -6.23 9.44
N THR A 77 17.64 -6.86 8.30
CA THR A 77 18.69 -6.99 7.29
C THR A 77 19.16 -5.61 6.83
N ASN A 78 18.23 -4.71 6.53
CA ASN A 78 18.63 -3.37 6.14
C ASN A 78 19.47 -2.76 7.24
N GLU A 79 19.02 -2.92 8.47
CA GLU A 79 19.75 -2.34 9.58
C GLU A 79 21.17 -2.86 9.61
N THR A 80 21.32 -4.18 9.54
CA THR A 80 22.65 -4.77 9.59
C THR A 80 23.47 -4.22 8.46
N ILE A 81 22.89 -4.21 7.26
CA ILE A 81 23.63 -3.75 6.09
C ILE A 81 24.11 -2.33 6.30
N ASN A 82 23.27 -1.50 6.89
CA ASN A 82 23.63 -0.10 7.08
C ASN A 82 24.61 0.06 8.22
N ASP A 83 24.43 -0.71 9.28
CA ASP A 83 25.28 -0.59 10.45
C ASP A 83 26.73 -0.91 10.14
N PHE A 84 26.98 -1.86 9.25
CA PHE A 84 28.36 -2.28 9.00
C PHE A 84 28.90 -1.99 7.61
N PHE A 85 28.01 -1.88 6.63
CA PHE A 85 28.46 -1.58 5.27
C PHE A 85 28.05 -0.18 4.86
N TYR A 86 28.99 0.56 4.29
CA TYR A 86 28.71 1.93 3.87
C TYR A 86 28.03 1.96 2.52
N LYS A 87 26.73 2.21 2.51
CA LYS A 87 26.02 2.32 1.24
C LYS A 87 26.19 3.74 0.71
N SER A 88 25.71 3.99 -0.51
CA SER A 88 25.89 5.30 -1.11
C SER A 88 24.62 5.84 -1.74
N ARG A 89 24.18 7.00 -1.30
CA ARG A 89 23.00 7.62 -1.90
C ARG A 89 23.32 7.89 -3.35
N ARG A 90 22.44 7.47 -4.25
CA ARG A 90 22.67 7.69 -5.67
C ARG A 90 21.48 8.36 -6.31
N CYS A 91 21.72 9.48 -7.00
CA CYS A 91 20.65 10.16 -7.70
C CYS A 91 20.71 9.78 -9.15
N PHE A 92 19.59 9.36 -9.72
CA PHE A 92 19.57 8.92 -11.10
C PHE A 92 18.85 9.92 -11.99
N ILE A 93 19.53 10.42 -13.00
CA ILE A 93 18.91 11.38 -13.91
C ILE A 93 18.92 10.84 -15.33
N LEU A 94 17.74 10.61 -15.89
CA LEU A 94 17.65 10.06 -17.24
C LEU A 94 17.05 11.05 -18.21
N VAL A 95 17.60 11.12 -19.41
CA VAL A 95 17.05 12.00 -20.43
C VAL A 95 16.54 11.16 -21.58
N GLU A 96 15.23 11.19 -21.83
CA GLU A 96 14.67 10.41 -22.91
C GLU A 96 14.21 11.30 -24.04
N SER A 97 14.25 10.79 -25.27
CA SER A 97 13.87 11.60 -26.42
C SER A 97 13.55 10.73 -27.61
N ASN A 98 13.03 11.35 -28.67
CA ASN A 98 12.77 10.61 -29.90
C ASN A 98 13.83 10.95 -30.92
N VAL A 99 14.91 11.56 -30.48
CA VAL A 99 16.00 11.92 -31.38
C VAL A 99 17.32 11.36 -30.89
N ASN A 100 18.35 11.41 -31.73
CA ASN A 100 19.66 10.93 -31.32
C ASN A 100 20.33 11.94 -30.41
N LEU A 101 20.07 11.84 -29.12
CA LEU A 101 20.69 12.75 -28.17
C LEU A 101 22.17 12.83 -28.42
N LEU A 102 22.72 11.84 -29.12
CA LEU A 102 24.16 11.82 -29.40
C LEU A 102 24.58 12.89 -30.38
N LYS A 103 23.62 13.49 -31.08
CA LYS A 103 23.97 14.59 -31.98
C LYS A 103 24.74 15.64 -31.19
N PRO A 104 25.85 16.13 -31.75
CA PRO A 104 26.68 17.06 -30.99
C PRO A 104 25.93 18.25 -30.42
N LYS A 105 25.09 18.91 -31.21
CA LYS A 105 24.42 20.11 -30.72
C LYS A 105 23.62 19.79 -29.47
N ILE A 106 22.83 18.73 -29.52
CA ILE A 106 22.02 18.36 -28.37
C ILE A 106 22.95 17.95 -27.26
N LEU A 107 23.95 17.14 -27.59
CA LEU A 107 24.88 16.66 -26.59
C LEU A 107 25.46 17.80 -25.77
N ARG A 108 25.90 18.85 -26.44
CA ARG A 108 26.51 19.96 -25.74
C ARG A 108 25.54 20.54 -24.73
N GLU A 109 24.28 20.69 -25.14
CA GLU A 109 23.29 21.21 -24.23
C GLU A 109 23.14 20.27 -23.04
N LEU A 110 23.03 18.98 -23.33
CA LEU A 110 22.91 18.01 -22.26
C LEU A 110 24.08 18.17 -21.30
N GLN A 111 25.25 18.52 -21.84
CA GLN A 111 26.43 18.65 -20.99
C GLN A 111 26.24 19.73 -19.94
N LYS A 112 25.79 20.89 -20.38
CA LYS A 112 25.57 21.98 -19.44
C LYS A 112 24.53 21.54 -18.44
N PHE A 113 23.52 20.81 -18.90
CA PHE A 113 22.51 20.29 -17.98
C PHE A 113 23.20 19.56 -16.85
N GLU A 114 24.14 18.69 -17.19
CA GLU A 114 24.85 17.92 -16.17
C GLU A 114 25.65 18.85 -15.27
N GLU A 115 26.52 19.65 -15.87
CA GLU A 115 27.35 20.56 -15.10
C GLU A 115 26.46 21.39 -14.20
N GLY A 116 25.26 21.67 -14.65
CA GLY A 116 24.34 22.45 -13.85
C GLY A 116 24.17 21.83 -12.47
N THR A 117 24.22 20.51 -12.40
CA THR A 117 24.00 19.85 -11.13
C THR A 117 25.06 20.28 -10.16
N LYS A 118 26.31 20.27 -10.60
CA LYS A 118 27.40 20.68 -9.73
C LYS A 118 27.20 22.13 -9.32
N ASP A 119 26.65 22.92 -10.23
CA ASP A 119 26.42 24.33 -9.93
C ASP A 119 25.42 24.49 -8.79
N ILE A 120 24.42 23.63 -8.74
CA ILE A 120 23.41 23.73 -7.69
C ILE A 120 24.08 23.91 -6.35
N GLU A 121 23.59 24.86 -5.55
CA GLU A 121 24.18 25.13 -4.25
C GLU A 121 23.13 25.23 -3.17
N VAL A 122 23.41 24.66 -2.00
CA VAL A 122 22.45 24.67 -0.92
C VAL A 122 22.96 25.51 0.24
N ASP A 123 22.13 26.43 0.73
CA ASP A 123 22.53 27.23 1.88
C ASP A 123 22.28 26.44 3.15
N LEU A 124 23.03 26.74 4.19
CA LEU A 124 22.90 25.99 5.43
C LEU A 124 21.51 26.15 6.05
N SER A 125 20.91 27.31 5.89
CA SER A 125 19.62 27.54 6.52
C SER A 125 18.62 26.51 6.04
N GLU A 126 18.79 26.07 4.79
CA GLU A 126 17.86 25.09 4.23
C GLU A 126 17.83 23.84 5.08
N ILE A 127 18.99 23.41 5.57
CA ILE A 127 19.04 22.20 6.36
C ILE A 127 18.02 22.33 7.47
N ASN A 128 17.02 21.45 7.46
CA ASN A 128 15.98 21.51 8.47
C ASN A 128 16.44 20.79 9.71
N GLU A 129 17.01 19.61 9.53
CA GLU A 129 17.48 18.82 10.67
C GLU A 129 18.20 19.69 11.67
N CYS A 130 19.27 20.33 11.23
CA CYS A 130 20.02 21.21 12.13
C CYS A 130 19.27 22.51 12.26
N LYS A 131 18.04 22.44 12.76
CA LYS A 131 17.24 23.63 12.91
C LYS A 131 17.88 24.54 13.94
N THR A 132 17.55 25.82 13.90
CA THR A 132 18.13 26.76 14.84
C THR A 132 17.80 26.37 16.27
N ASN A 133 16.90 25.42 16.44
CA ASN A 133 16.56 24.93 17.77
C ASN A 133 16.00 23.53 17.69
N SER A 134 16.77 22.55 18.16
CA SER A 134 16.33 21.15 18.11
C SER A 134 16.88 20.37 19.27
N GLU A 135 16.59 19.07 19.30
CA GLU A 135 17.11 18.23 20.36
C GLU A 135 18.34 17.48 19.87
N LEU A 136 19.44 17.62 20.60
CA LEU A 136 20.67 16.94 20.21
C LEU A 136 20.46 15.45 20.27
N PRO A 137 20.97 14.72 19.27
CA PRO A 137 20.80 13.26 19.23
C PRO A 137 21.33 12.60 20.49
N PRO A 138 20.74 11.46 20.89
CA PRO A 138 21.20 10.87 22.15
C PRO A 138 22.69 10.59 22.12
N GLU A 139 23.37 10.80 23.25
CA GLU A 139 24.80 10.58 23.31
C GLU A 139 25.16 9.13 23.01
N GLN A 140 26.15 8.93 22.15
CA GLN A 140 26.56 7.58 21.78
C GLN A 140 27.25 6.89 22.94
N SER A 141 26.97 5.60 23.13
CA SER A 141 27.53 4.89 24.27
C SER A 141 28.98 5.27 24.52
N HIS A 142 29.30 5.59 25.76
CA HIS A 142 30.66 6.01 26.10
C HIS A 142 31.71 5.11 25.46
N VAL A 143 31.61 3.81 25.69
CA VAL A 143 32.58 2.89 25.13
C VAL A 143 32.65 3.12 23.64
N ALA A 144 31.49 3.19 23.00
CA ALA A 144 31.46 3.47 21.58
C ALA A 144 32.34 4.66 21.29
N LYS A 145 32.11 5.74 22.02
CA LYS A 145 32.88 6.96 21.78
C LYS A 145 34.35 6.64 21.85
N GLU A 146 34.76 5.95 22.92
CA GLU A 146 36.16 5.64 23.09
C GLU A 146 36.67 4.92 21.88
N LEU A 147 35.95 3.88 21.47
CA LEU A 147 36.41 3.09 20.34
C LEU A 147 36.50 3.95 19.09
N TYR A 148 35.45 4.71 18.82
CA TYR A 148 35.47 5.57 17.66
C TYR A 148 36.73 6.38 17.68
N LYS A 149 37.04 6.94 18.85
CA LYS A 149 38.23 7.75 18.99
C LYS A 149 39.45 6.92 18.64
N THR A 150 39.54 5.71 19.18
CA THR A 150 40.68 4.86 18.90
C THR A 150 40.74 4.52 17.44
N LEU A 151 39.64 4.01 16.90
CA LEU A 151 39.63 3.60 15.50
C LEU A 151 40.02 4.74 14.59
N ILE A 152 39.36 5.88 14.75
CA ILE A 152 39.63 7.00 13.85
C ILE A 152 41.11 7.33 13.92
N GLN A 153 41.68 7.27 15.13
CA GLN A 153 43.09 7.57 15.29
C GLN A 153 43.95 6.56 14.55
N ARG A 154 43.75 5.28 14.84
CA ARG A 154 44.58 4.26 14.21
C ARG A 154 44.35 4.24 12.71
N SER A 155 43.12 4.52 12.30
CA SER A 155 42.83 4.52 10.88
C SER A 155 43.84 5.40 10.21
N GLU A 156 43.98 6.61 10.71
CA GLU A 156 44.97 7.52 10.16
C GLU A 156 46.31 6.86 10.24
N GLU A 157 46.71 6.48 11.46
CA GLU A 157 48.02 5.89 11.64
C GLU A 157 48.28 4.83 10.59
N ASN A 158 47.40 3.84 10.52
CA ASN A 158 47.58 2.77 9.56
C ASN A 158 47.67 3.32 8.16
N LEU A 159 46.73 4.19 7.80
CA LEU A 159 46.72 4.73 6.46
C LEU A 159 48.06 5.37 6.13
N LYS A 160 48.61 6.10 7.08
CA LYS A 160 49.91 6.73 6.88
C LYS A 160 50.98 5.69 6.67
N SER A 161 51.02 4.68 7.53
CA SER A 161 52.00 3.63 7.42
C SER A 161 51.91 2.99 6.05
N GLY A 162 50.73 2.49 5.71
CA GLY A 162 50.53 1.89 4.41
C GLY A 162 50.97 0.44 4.39
N LYS A 163 51.51 -0.02 5.51
CA LYS A 163 51.99 -1.39 5.58
C LYS A 163 50.88 -2.35 5.98
N ILE A 164 50.59 -3.32 5.13
CA ILE A 164 49.60 -4.33 5.49
C ILE A 164 50.33 -5.51 6.06
N ASN A 165 50.23 -5.69 7.37
CA ASN A 165 50.95 -6.79 8.02
C ASN A 165 50.01 -7.59 8.90
N GLY A 166 49.91 -8.89 8.63
CA GLY A 166 49.01 -9.73 9.40
C GLY A 166 49.71 -10.60 10.41
N SER A 167 51.00 -10.37 10.61
CA SER A 167 51.77 -11.21 11.50
C SER A 167 51.18 -11.26 12.90
N LEU A 168 50.89 -10.09 13.45
CA LEU A 168 50.38 -10.04 14.82
C LEU A 168 48.99 -10.64 14.94
N PHE A 169 48.14 -10.37 13.96
CA PHE A 169 46.76 -10.85 14.03
C PHE A 169 46.67 -12.32 14.41
N ASP A 170 45.87 -12.64 15.42
CA ASP A 170 45.67 -14.03 15.79
C ASP A 170 44.58 -14.59 14.92
N TYR A 171 44.86 -15.67 14.21
CA TYR A 171 43.88 -16.24 13.30
C TYR A 171 43.23 -17.48 13.87
N SER A 172 43.15 -17.54 15.19
CA SER A 172 42.52 -18.70 15.83
C SER A 172 41.01 -18.68 15.65
N ASP A 173 40.41 -19.86 15.55
CA ASP A 173 38.97 -19.94 15.41
C ASP A 173 38.30 -19.39 16.66
N LEU A 174 37.28 -18.56 16.47
CA LEU A 174 36.62 -17.94 17.61
C LEU A 174 35.77 -18.92 18.40
N ASP A 175 35.49 -18.59 19.66
CA ASP A 175 34.67 -19.44 20.50
C ASP A 175 33.21 -19.24 20.14
N GLU A 176 32.32 -19.96 20.79
CA GLU A 176 30.90 -19.74 20.57
C GLU A 176 30.65 -18.31 20.93
N ASN A 177 31.37 -17.82 21.94
CA ASN A 177 31.24 -16.42 22.34
C ASN A 177 31.95 -15.55 21.33
N GLY A 178 32.53 -16.16 20.30
CA GLY A 178 33.27 -15.39 19.31
C GLY A 178 34.57 -14.92 19.91
N LYS A 179 35.11 -15.66 20.87
CA LYS A 179 36.33 -15.23 21.54
C LYS A 179 37.44 -16.25 21.36
N SER A 180 38.64 -15.77 21.04
CA SER A 180 39.77 -16.66 20.87
C SER A 180 41.06 -15.87 20.74
N VAL A 293 35.62 -4.96 31.15
CA VAL A 293 36.69 -4.76 30.18
C VAL A 293 36.14 -4.68 28.77
N ASN A 294 34.88 -4.27 28.65
CA ASN A 294 34.26 -4.22 27.34
C ASN A 294 35.15 -3.48 26.36
N PHE A 295 35.56 -2.27 26.71
CA PHE A 295 36.35 -1.49 25.76
C PHE A 295 37.60 -2.24 25.38
N THR A 296 38.31 -2.76 26.38
CA THR A 296 39.57 -3.42 26.09
C THR A 296 39.35 -4.43 24.99
N ASP A 297 38.23 -5.15 25.07
CA ASP A 297 37.94 -6.16 24.07
C ASP A 297 37.78 -5.50 22.71
N TYR A 298 37.01 -4.42 22.67
CA TYR A 298 36.77 -3.75 21.39
C TYR A 298 37.99 -2.97 20.96
N LYS A 299 38.90 -2.70 21.90
CA LYS A 299 40.11 -1.98 21.57
C LYS A 299 41.06 -2.86 20.78
N ASP A 300 42.05 -2.27 20.14
CA ASP A 300 43.04 -3.06 19.41
C ASP A 300 42.42 -3.84 18.26
N ASP A 301 41.53 -3.21 17.51
CA ASP A 301 40.93 -3.88 16.37
C ASP A 301 41.36 -3.19 15.09
N VAL A 302 42.09 -3.90 14.24
CA VAL A 302 42.57 -3.30 13.00
C VAL A 302 41.66 -3.64 11.82
N PHE A 303 40.95 -2.65 11.31
CA PHE A 303 40.07 -2.87 10.18
C PHE A 303 40.76 -2.59 8.86
N TYR A 304 40.46 -3.38 7.84
CA TYR A 304 41.02 -3.13 6.53
C TYR A 304 39.93 -3.39 5.50
N PRO A 305 39.69 -2.41 4.61
CA PRO A 305 40.58 -1.29 4.31
C PRO A 305 40.65 -0.33 5.49
N TYR A 306 41.81 0.24 5.74
CA TYR A 306 41.98 1.10 6.90
C TYR A 306 40.98 2.25 6.89
N GLN A 307 40.67 2.76 5.71
CA GLN A 307 39.76 3.88 5.61
C GLN A 307 38.34 3.49 6.00
N TYR A 308 38.19 2.38 6.72
CA TYR A 308 36.86 1.94 7.17
C TYR A 308 36.69 1.88 8.66
N ILE A 309 35.66 2.53 9.16
CA ILE A 309 35.34 2.44 10.58
C ILE A 309 33.90 2.01 10.63
N PRO A 310 33.59 0.98 11.41
CA PRO A 310 32.22 0.49 11.38
C PRO A 310 31.25 1.65 11.34
N PRO A 311 30.37 1.69 10.33
CA PRO A 311 29.48 2.85 10.21
C PRO A 311 28.72 3.14 11.49
N MET A 312 28.32 2.11 12.22
CA MET A 312 27.53 2.32 13.41
C MET A 312 28.23 3.25 14.38
N LEU A 313 29.54 3.11 14.51
CA LEU A 313 30.28 3.93 15.45
C LEU A 313 30.39 5.38 14.98
N ILE A 314 29.99 5.65 13.75
CA ILE A 314 30.12 6.99 13.22
C ILE A 314 28.90 7.83 13.54
N LYS A 315 28.89 8.42 14.72
CA LYS A 315 27.76 9.26 15.12
C LYS A 315 28.23 10.54 15.77
N ALA A 316 28.74 11.47 14.98
CA ALA A 316 29.17 12.76 15.50
C ALA A 316 28.14 13.81 15.15
N ASP A 317 27.85 14.70 16.09
CA ASP A 317 26.82 15.70 15.84
C ASP A 317 27.06 16.39 14.53
N ARG A 318 26.10 16.27 13.62
CA ARG A 318 26.22 16.89 12.32
C ARG A 318 25.81 18.35 12.44
N CYS A 319 25.27 18.72 13.59
CA CYS A 319 24.87 20.10 13.80
C CYS A 319 26.06 21.02 13.70
N LYS A 320 27.21 20.57 14.18
CA LYS A 320 28.42 21.37 14.07
C LYS A 320 28.95 21.26 12.67
N LEU A 321 28.89 22.34 11.91
CA LEU A 321 29.32 22.30 10.53
C LEU A 321 30.75 21.83 10.44
N GLN A 322 31.52 22.08 11.49
CA GLN A 322 32.91 21.69 11.49
C GLN A 322 33.02 20.20 11.25
N ASN A 323 32.15 19.43 11.89
CA ASN A 323 32.17 17.99 11.72
C ASN A 323 31.89 17.59 10.28
N VAL A 324 30.80 18.09 9.71
CA VAL A 324 30.41 17.67 8.36
C VAL A 324 31.34 18.20 7.28
N PHE A 325 31.44 19.51 7.15
CA PHE A 325 32.32 20.10 6.14
C PHE A 325 33.51 20.72 6.83
N GLY A 326 34.69 20.15 6.59
CA GLY A 326 35.87 20.67 7.26
C GLY A 326 36.40 21.95 6.68
N ASP A 327 36.57 22.00 5.37
CA ASP A 327 37.12 23.18 4.73
C ASP A 327 36.49 24.46 5.25
N LYS A 328 35.21 24.39 5.60
CA LYS A 328 34.53 25.57 6.10
C LYS A 328 35.34 26.21 7.21
N ASN A 329 36.03 25.39 7.99
CA ASN A 329 36.80 25.91 9.12
C ASN A 329 35.91 26.77 10.00
N LEU A 330 34.61 26.72 9.78
CA LEU A 330 33.69 27.56 10.54
C LEU A 330 33.53 27.15 11.99
N ASN A 331 33.41 25.85 12.24
CA ASN A 331 33.16 25.39 13.60
C ASN A 331 31.91 26.09 14.11
N ILE A 332 30.85 26.07 13.32
CA ILE A 332 29.61 26.74 13.69
C ILE A 332 28.50 25.72 13.89
N ASP A 333 27.82 25.80 15.03
CA ASP A 333 26.71 24.90 15.26
C ASP A 333 25.45 25.44 14.64
N LEU A 334 24.94 24.75 13.63
CA LEU A 334 23.74 25.20 12.95
C LEU A 334 22.60 25.31 13.94
N ARG A 335 22.54 24.38 14.89
CA ARG A 335 21.48 24.42 15.90
C ARG A 335 21.70 25.59 16.83
N GLU A 336 22.84 26.25 16.72
CA GLU A 336 23.12 27.41 17.55
C GLU A 336 23.51 28.59 16.68
N ALA A 337 22.94 28.67 15.48
CA ALA A 337 23.31 29.76 14.58
C ALA A 337 22.09 30.49 14.04
N SER A 338 22.25 31.78 13.79
CA SER A 338 21.14 32.58 13.27
C SER A 338 20.72 32.08 11.92
N ASP A 339 19.43 32.18 11.62
CA ASP A 339 18.94 31.76 10.33
C ASP A 339 19.67 32.51 9.24
N GLY A 340 19.86 33.81 9.44
CA GLY A 340 20.59 34.60 8.48
C GLY A 340 22.01 34.09 8.36
N LEU A 341 22.63 33.78 9.49
CA LEU A 341 23.99 33.26 9.48
C LEU A 341 24.04 31.95 8.70
N LYS A 342 23.10 31.07 8.99
CA LYS A 342 23.06 29.79 8.29
C LYS A 342 22.84 30.05 6.81
N LYS A 343 22.03 31.05 6.48
CA LYS A 343 21.81 31.39 5.09
C LYS A 343 23.12 31.78 4.43
N GLN A 344 23.99 32.45 5.18
CA GLN A 344 25.26 32.88 4.63
C GLN A 344 26.02 31.70 4.05
N ILE A 345 26.24 30.67 4.85
CA ILE A 345 27.01 29.52 4.41
C ILE A 345 26.26 28.71 3.36
N THR A 346 26.98 28.25 2.33
CA THR A 346 26.36 27.47 1.27
C THR A 346 27.29 26.37 0.78
N TYR A 347 26.76 25.17 0.56
CA TYR A 347 27.58 24.07 0.11
C TYR A 347 27.09 23.54 -1.22
N THR A 348 27.92 22.78 -1.92
CA THR A 348 27.54 22.29 -3.23
C THR A 348 27.73 20.79 -3.34
N LEU A 349 27.40 20.23 -4.51
CA LEU A 349 27.50 18.80 -4.69
C LEU A 349 28.89 18.31 -4.39
N GLU A 350 29.90 19.02 -4.89
CA GLU A 350 31.27 18.58 -4.69
C GLU A 350 31.54 18.36 -3.22
N ASP A 351 30.93 19.17 -2.37
CA ASP A 351 31.15 19.05 -0.94
C ASP A 351 30.57 17.76 -0.38
N ILE A 352 29.47 17.29 -0.96
CA ILE A 352 28.82 16.08 -0.44
C ILE A 352 28.69 14.97 -1.48
N CYS A 353 29.71 14.81 -2.32
CA CYS A 353 29.65 13.80 -3.37
C CYS A 353 30.81 12.84 -3.28
N GLU A 354 30.55 11.56 -3.48
CA GLU A 354 31.62 10.58 -3.49
C GLU A 354 32.63 11.01 -4.53
N LYS A 355 33.91 11.02 -4.18
CA LYS A 355 34.92 11.52 -5.11
C LYS A 355 35.88 10.47 -5.63
N LYS A 356 35.92 10.27 -6.93
CA LYS A 356 36.86 9.33 -7.53
C LYS A 356 38.05 10.12 -8.06
N TYR A 357 39.25 9.72 -7.68
CA TYR A 357 40.44 10.43 -8.12
C TYR A 357 40.28 11.91 -7.80
N GLY A 358 39.78 12.21 -6.60
CA GLY A 358 39.60 13.59 -6.20
C GLY A 358 38.60 14.34 -7.05
N ASP A 359 37.70 13.61 -7.69
CA ASP A 359 36.65 14.25 -8.49
C ASP A 359 35.34 13.49 -8.36
N CYS A 360 34.25 14.21 -8.17
CA CYS A 360 32.95 13.56 -8.05
C CYS A 360 32.82 12.39 -9.01
N ASN A 361 32.35 11.25 -8.51
CA ASN A 361 32.28 10.06 -9.35
C ASN A 361 30.98 9.95 -10.11
N PHE A 362 30.75 10.85 -11.06
CA PHE A 362 29.56 10.78 -11.88
C PHE A 362 29.66 9.60 -12.82
N SER A 363 28.55 9.25 -13.46
CA SER A 363 28.58 8.16 -14.43
C SER A 363 28.10 8.68 -15.77
N SER A 364 28.42 9.92 -16.10
CA SER A 364 27.94 10.53 -17.33
C SER A 364 28.72 10.10 -18.57
N LEU A 365 28.07 10.19 -19.72
CA LEU A 365 28.75 9.87 -20.96
C LEU A 365 29.91 10.81 -21.13
N PHE A 366 29.74 12.04 -20.70
CA PHE A 366 30.78 13.06 -20.89
C PHE A 366 32.12 12.69 -20.26
N LEU A 367 32.15 11.63 -19.47
CA LEU A 367 33.43 11.19 -18.93
C LEU A 367 34.33 10.81 -20.08
N TYR A 368 33.77 10.22 -21.12
CA TYR A 368 34.55 9.84 -22.29
C TYR A 368 35.28 11.03 -22.88
N TYR A 369 34.61 12.17 -22.97
CA TYR A 369 35.22 13.35 -23.56
C TYR A 369 36.19 14.06 -22.63
N GLU A 370 36.14 13.73 -21.34
CA GLU A 370 36.98 14.42 -20.37
C GLU A 370 38.45 14.38 -20.74
N LYS A 371 39.20 15.41 -20.37
CA LYS A 371 40.63 15.44 -20.62
C LYS A 371 40.95 15.23 -22.09
N GLY A 372 40.05 15.66 -22.96
CA GLY A 372 40.34 15.58 -24.39
C GLY A 372 40.46 14.17 -24.92
N ASN A 373 40.06 13.18 -24.11
CA ASN A 373 40.10 11.81 -24.57
C ASN A 373 39.24 11.74 -25.81
N GLY A 374 38.12 12.44 -25.78
CA GLY A 374 37.24 12.50 -26.94
C GLY A 374 36.70 13.90 -27.04
N TYR A 375 35.88 14.16 -28.05
CA TYR A 375 35.36 15.50 -28.24
C TYR A 375 33.91 15.48 -28.70
N ILE A 376 33.08 16.27 -28.03
CA ILE A 376 31.65 16.29 -28.35
C ILE A 376 31.42 16.34 -29.84
N ASP A 377 32.09 17.25 -30.52
CA ASP A 377 31.87 17.41 -31.96
C ASP A 377 32.10 16.12 -32.73
N TYR A 378 33.05 15.30 -32.29
CA TYR A 378 33.38 14.09 -33.03
C TYR A 378 32.59 12.88 -32.53
N PRO A 379 32.47 11.85 -33.39
CA PRO A 379 31.75 10.64 -33.00
C PRO A 379 32.46 9.88 -31.89
N ILE A 380 31.71 9.09 -31.13
CA ILE A 380 32.31 8.34 -30.03
C ILE A 380 32.86 7.01 -30.50
N LYS A 381 34.17 6.84 -30.40
CA LYS A 381 34.77 5.56 -30.76
C LYS A 381 35.50 4.98 -29.57
N VAL A 382 35.05 3.83 -29.09
CA VAL A 382 35.66 3.22 -27.93
C VAL A 382 36.03 1.77 -28.18
N ASP A 383 36.99 1.26 -27.42
CA ASP A 383 37.43 -0.11 -27.60
C ASP A 383 36.37 -1.09 -27.12
N ASN A 384 35.78 -0.80 -25.96
CA ASN A 384 34.78 -1.70 -25.41
C ASN A 384 33.59 -0.92 -24.86
N LEU A 385 32.41 -1.23 -25.35
CA LEU A 385 31.22 -0.54 -24.89
C LEU A 385 30.92 -0.89 -23.45
N ASP A 386 31.40 -2.04 -23.00
CA ASP A 386 31.12 -2.49 -21.64
C ASP A 386 31.91 -1.73 -20.59
N PHE A 387 33.23 -1.72 -20.69
CA PHE A 387 34.03 -1.08 -19.67
C PHE A 387 35.12 -0.20 -20.25
N TYR A 388 34.73 0.78 -21.07
CA TYR A 388 35.71 1.70 -21.62
C TYR A 388 36.31 2.53 -20.52
N VAL A 389 37.55 2.94 -20.68
CA VAL A 389 38.18 3.79 -19.67
C VAL A 389 38.83 5.01 -20.32
N ASN A 390 38.46 6.19 -19.84
CA ASN A 390 39.08 7.39 -20.35
C ASN A 390 40.52 7.33 -19.93
N ARG A 391 41.42 7.17 -20.89
CA ARG A 391 42.83 7.01 -20.56
C ARG A 391 43.37 8.23 -19.85
N ARG A 392 43.10 9.41 -20.39
CA ARG A 392 43.63 10.62 -19.79
C ARG A 392 43.16 10.78 -18.36
N THR A 393 41.88 10.51 -18.12
CA THR A 393 41.34 10.64 -16.78
C THR A 393 41.57 9.39 -15.98
N TYR A 394 41.80 8.28 -16.67
CA TYR A 394 41.99 6.99 -16.00
C TYR A 394 40.74 6.61 -15.23
N LYS A 395 39.59 7.17 -15.62
CA LYS A 395 38.34 6.83 -14.98
C LYS A 395 37.55 5.93 -15.89
N GLU A 396 37.07 4.81 -15.36
CA GLU A 396 36.32 3.86 -16.19
C GLU A 396 34.89 4.29 -16.41
N MET A 397 34.23 3.69 -17.39
CA MET A 397 32.84 4.02 -17.68
C MET A 397 32.16 2.90 -18.44
N MET A 398 30.88 2.67 -18.17
CA MET A 398 30.14 1.62 -18.86
C MET A 398 29.15 2.23 -19.83
N PHE A 399 29.55 2.40 -21.08
CA PHE A 399 28.68 3.06 -22.04
C PHE A 399 27.32 2.40 -22.14
N LYS A 400 27.29 1.07 -22.07
CA LYS A 400 26.03 0.37 -22.18
C LYS A 400 25.08 0.84 -21.10
N GLY A 401 25.61 1.09 -19.91
CA GLY A 401 24.78 1.57 -18.83
C GLY A 401 24.40 3.01 -18.99
N ILE A 402 25.33 3.82 -19.49
CA ILE A 402 25.06 5.26 -19.63
C ILE A 402 24.07 5.57 -20.74
N LEU A 403 24.28 5.00 -21.91
CA LEU A 403 23.41 5.29 -23.04
C LEU A 403 22.41 4.18 -23.29
N GLY A 404 21.21 4.54 -23.73
CA GLY A 404 20.19 3.55 -24.03
C GLY A 404 19.84 3.55 -25.50
N ASN A 405 19.32 2.42 -25.99
CA ASN A 405 19.00 2.32 -27.41
C ASN A 405 20.22 2.70 -28.23
N MET A 406 21.40 2.28 -27.81
CA MET A 406 22.62 2.66 -28.50
C MET A 406 22.68 2.10 -29.90
N VAL A 407 23.29 2.84 -30.81
CA VAL A 407 23.47 2.34 -32.16
C VAL A 407 24.94 2.51 -32.47
N TYR A 408 25.67 1.40 -32.53
CA TYR A 408 27.10 1.49 -32.73
C TYR A 408 27.59 0.67 -33.89
N GLU A 409 28.70 1.09 -34.50
CA GLU A 409 29.28 0.32 -35.60
C GLU A 409 30.52 -0.38 -35.08
N LYS A 410 31.26 -1.03 -35.98
CA LYS A 410 32.49 -1.70 -35.58
C LYS A 410 33.62 -1.37 -36.53
N SER A 411 34.68 -0.77 -36.01
CA SER A 411 35.82 -0.42 -36.85
C SER A 411 37.12 -0.62 -36.08
N GLY A 412 37.99 -1.48 -36.59
CA GLY A 412 39.25 -1.74 -35.92
C GLY A 412 39.02 -2.16 -34.49
N SER A 413 38.02 -3.02 -34.27
CA SER A 413 37.71 -3.49 -32.93
C SER A 413 37.23 -2.36 -32.05
N LYS A 414 36.98 -1.20 -32.64
CA LYS A 414 36.49 -0.07 -31.88
C LYS A 414 35.12 0.31 -32.40
N TYR A 415 34.14 0.32 -31.51
CA TYR A 415 32.78 0.63 -31.92
C TYR A 415 32.62 2.12 -32.17
N ILE A 416 31.63 2.49 -32.97
CA ILE A 416 31.38 3.90 -33.26
C ILE A 416 29.95 4.26 -32.89
N ILE A 417 29.73 4.52 -31.61
CA ILE A 417 28.39 4.88 -31.16
C ILE A 417 27.93 6.06 -31.97
N LYS A 418 26.78 5.95 -32.61
CA LYS A 418 26.31 7.03 -33.47
C LYS A 418 24.86 7.41 -33.26
N SER A 419 24.19 6.77 -32.31
CA SER A 419 22.81 7.14 -32.00
C SER A 419 22.34 6.59 -30.67
N ALA A 420 21.66 7.43 -29.90
CA ALA A 420 21.13 7.00 -28.62
C ALA A 420 19.98 7.91 -28.22
N ASN A 421 18.85 7.32 -27.87
CA ASN A 421 17.68 8.14 -27.53
C ASN A 421 17.47 8.22 -26.03
N ALA A 422 18.48 7.86 -25.26
CA ALA A 422 18.38 7.97 -23.82
C ALA A 422 19.76 8.04 -23.21
N ILE A 423 19.96 8.96 -22.28
CA ILE A 423 21.24 9.08 -21.61
C ILE A 423 21.00 9.24 -20.13
N MET A 424 21.52 8.32 -19.33
CA MET A 424 21.30 8.38 -17.90
C MET A 424 22.59 8.66 -17.14
N THR A 425 22.53 9.61 -16.21
CA THR A 425 23.71 9.92 -15.42
C THR A 425 23.40 9.70 -13.95
N VAL A 426 24.29 9.00 -13.26
CA VAL A 426 24.09 8.73 -11.85
C VAL A 426 25.04 9.55 -11.02
N ILE A 427 24.52 10.29 -10.05
CA ILE A 427 25.37 11.11 -9.20
C ILE A 427 25.43 10.48 -7.82
N PRO A 428 26.65 10.16 -7.35
CA PRO A 428 26.72 9.47 -6.07
C PRO A 428 26.93 10.43 -4.91
N LEU A 429 26.06 10.38 -3.91
CA LEU A 429 26.20 11.26 -2.75
C LEU A 429 26.44 10.44 -1.50
N LEU A 430 27.25 10.96 -0.59
CA LEU A 430 27.56 10.25 0.64
C LEU A 430 26.30 9.84 1.38
N ASN A 431 26.37 8.76 2.14
CA ASN A 431 25.20 8.28 2.88
C ASN A 431 25.48 8.24 4.38
N SER A 432 26.61 8.80 4.80
CA SER A 432 26.96 8.81 6.21
C SER A 432 25.92 9.58 7.00
N HIS A 433 25.72 9.19 8.25
CA HIS A 433 24.76 9.88 9.10
C HIS A 433 25.02 11.38 9.07
N THR A 434 26.27 11.77 9.30
CA THR A 434 26.58 13.19 9.35
C THR A 434 26.19 13.89 8.08
N TYR A 435 26.40 13.26 6.93
CA TYR A 435 26.10 13.89 5.66
C TYR A 435 24.67 13.64 5.24
N GLU A 436 23.94 12.84 5.99
CA GLU A 436 22.57 12.50 5.60
C GLU A 436 21.68 13.72 5.47
N PRO A 437 21.64 14.59 6.49
CA PRO A 437 20.70 15.70 6.38
C PRO A 437 21.06 16.58 5.21
N TYR A 438 22.34 16.88 5.06
CA TYR A 438 22.76 17.76 3.99
C TYR A 438 22.44 17.16 2.63
N ALA A 439 22.72 15.87 2.48
CA ALA A 439 22.46 15.22 1.21
C ALA A 439 21.01 15.43 0.81
N LEU A 440 20.09 15.13 1.71
CA LEU A 440 18.68 15.25 1.38
C LEU A 440 18.41 16.62 0.78
N ALA A 441 19.00 17.65 1.36
CA ALA A 441 18.77 19.00 0.86
C ALA A 441 19.19 19.10 -0.59
N TYR A 442 20.43 18.70 -0.88
CA TYR A 442 20.92 18.84 -2.25
C TYR A 442 20.01 18.09 -3.19
N GLU A 443 19.61 16.88 -2.81
CA GLU A 443 18.79 16.07 -3.68
C GLU A 443 17.52 16.83 -4.03
N LYS A 444 16.92 17.46 -3.04
CA LYS A 444 15.68 18.19 -3.28
C LYS A 444 15.92 19.25 -4.34
N LYS A 445 17.00 20.00 -4.18
CA LYS A 445 17.32 21.02 -5.15
C LYS A 445 17.50 20.36 -6.49
N LEU A 446 18.22 19.24 -6.51
CA LEU A 446 18.49 18.55 -7.77
C LEU A 446 17.22 18.13 -8.46
N ILE A 447 16.34 17.43 -7.75
CA ILE A 447 15.14 16.91 -8.40
C ILE A 447 14.37 18.05 -9.05
N ASP A 448 14.19 19.15 -8.33
CA ASP A 448 13.51 20.29 -8.90
C ASP A 448 14.24 20.72 -10.15
N TYR A 449 15.54 20.94 -10.03
CA TYR A 449 16.32 21.43 -11.17
C TYR A 449 16.12 20.56 -12.39
N VAL A 450 16.29 19.25 -12.24
CA VAL A 450 16.18 18.37 -13.40
C VAL A 450 14.77 18.31 -13.95
N ARG A 451 13.77 18.25 -13.08
CA ARG A 451 12.39 18.12 -13.53
C ARG A 451 11.93 19.28 -14.38
N PHE A 452 12.48 20.47 -14.14
CA PHE A 452 12.01 21.64 -14.87
C PHE A 452 12.92 22.01 -16.03
N TYR A 453 14.12 21.45 -16.06
CA TYR A 453 15.05 21.73 -17.14
C TYR A 453 14.42 21.35 -18.47
N ASN A 454 14.59 22.17 -19.49
CA ASN A 454 14.01 21.88 -20.79
C ASN A 454 14.94 22.27 -21.94
N LEU A 455 15.00 21.43 -22.97
CA LEU A 455 15.84 21.72 -24.13
C LEU A 455 15.06 21.56 -25.42
N ASP A 456 13.75 21.78 -25.37
CA ASP A 456 12.92 21.59 -26.56
C ASP A 456 13.45 22.37 -27.73
N ASP A 457 14.07 23.52 -27.47
CA ASP A 457 14.55 24.35 -28.55
C ASP A 457 15.51 23.59 -29.45
N ILE A 458 16.46 22.88 -28.87
CA ILE A 458 17.45 22.18 -29.68
C ILE A 458 16.83 21.06 -30.48
N ILE A 459 15.84 20.37 -29.91
CA ILE A 459 15.23 19.24 -30.60
C ILE A 459 14.17 19.64 -31.61
N GLN A 460 13.83 20.93 -31.67
CA GLN A 460 12.75 21.36 -32.56
C GLN A 460 12.83 20.80 -33.96
N ASP A 461 13.98 20.92 -34.61
CA ASP A 461 14.08 20.47 -36.00
C ASP A 461 14.67 19.08 -36.13
N GLU A 462 15.27 18.58 -35.05
CA GLU A 462 15.90 17.27 -35.11
C GLU A 462 14.86 16.20 -35.46
N GLU A 463 15.24 15.25 -36.31
CA GLU A 463 14.29 14.22 -36.74
C GLU A 463 13.93 13.26 -35.63
N THR A 464 12.76 12.65 -35.73
CA THR A 464 12.30 11.72 -34.70
C THR A 464 12.29 10.30 -35.21
N ASN A 465 12.34 9.34 -34.30
CA ASN A 465 12.27 7.95 -34.70
C ASN A 465 10.89 7.40 -34.38
N ASP A 466 10.11 8.18 -33.63
CA ASP A 466 8.78 7.74 -33.26
C ASP A 466 7.74 8.33 -34.19
N ASP A 467 8.18 9.04 -35.21
CA ASP A 467 7.25 9.67 -36.14
C ASP A 467 6.33 10.59 -35.36
N ASN A 468 6.84 11.16 -34.27
CA ASN A 468 6.04 12.06 -33.46
C ASN A 468 6.82 13.33 -33.20
N ASP A 469 6.14 14.37 -32.76
CA ASP A 469 6.81 15.64 -32.51
C ASP A 469 8.08 15.42 -31.70
N PRO A 470 9.20 16.03 -32.13
CA PRO A 470 10.42 15.89 -31.36
C PRO A 470 10.18 16.25 -29.91
N PHE A 471 10.57 15.38 -29.00
CA PHE A 471 10.36 15.61 -27.58
C PHE A 471 11.60 15.29 -26.80
N ILE A 472 11.74 15.87 -25.61
CA ILE A 472 12.87 15.53 -24.76
C ILE A 472 12.43 15.67 -23.32
N ARG A 473 12.66 14.63 -22.53
CA ARG A 473 12.20 14.65 -21.15
C ARG A 473 13.30 14.28 -20.18
N PHE A 474 13.37 14.98 -19.06
CA PHE A 474 14.41 14.71 -18.08
C PHE A 474 13.78 14.09 -16.83
N HIS A 475 13.98 12.79 -16.65
CA HIS A 475 13.45 12.11 -15.47
C HIS A 475 14.50 12.03 -14.37
N VAL A 476 14.08 12.09 -13.12
CA VAL A 476 15.04 12.04 -12.01
C VAL A 476 14.53 11.20 -10.85
N PHE A 477 15.40 10.39 -10.27
CA PHE A 477 15.00 9.61 -9.10
C PHE A 477 16.07 9.63 -8.03
N THR A 478 15.72 10.08 -6.83
CA THR A 478 16.66 10.12 -5.73
C THR A 478 16.10 9.31 -4.58
N ASP A 479 16.91 9.09 -3.56
CA ASP A 479 16.47 8.28 -2.44
C ASP A 479 15.24 8.88 -1.78
N ARG A 480 15.22 10.20 -1.68
CA ARG A 480 14.10 10.88 -1.04
C ARG A 480 12.86 10.85 -1.90
N SER A 481 12.99 10.39 -3.14
CA SER A 481 11.85 10.44 -4.05
C SER A 481 10.66 9.63 -3.56
N LEU A 482 10.89 8.39 -3.16
CA LEU A 482 9.77 7.55 -2.77
C LEU A 482 8.99 8.14 -1.61
N GLU A 483 9.68 8.52 -0.54
CA GLU A 483 8.99 9.06 0.62
C GLU A 483 8.29 10.35 0.26
N ASP A 484 8.92 11.16 -0.59
CA ASP A 484 8.31 12.41 -1.00
C ASP A 484 7.00 12.12 -1.71
N GLU A 485 7.00 11.12 -2.58
CA GLU A 485 5.78 10.77 -3.30
C GLU A 485 4.72 10.27 -2.35
N VAL A 486 5.14 9.59 -1.29
CA VAL A 486 4.18 9.14 -0.31
C VAL A 486 3.43 10.34 0.25
N ASP A 487 4.16 11.42 0.48
CA ASP A 487 3.52 12.63 0.97
C ASP A 487 2.46 13.09 -0.01
N ARG A 488 2.79 13.05 -1.30
CA ARG A 488 1.82 13.44 -2.31
C ARG A 488 0.57 12.57 -2.25
N ILE A 489 0.77 11.26 -2.12
CA ILE A 489 -0.37 10.35 -2.07
C ILE A 489 -1.10 10.51 -0.75
N SER A 490 -0.41 11.06 0.25
CA SER A 490 -1.02 11.26 1.56
C SER A 490 -2.18 12.23 1.46
N LYS A 491 -1.96 13.35 0.78
CA LYS A 491 -3.00 14.37 0.67
C LYS A 491 -4.15 13.84 -0.17
N ILE A 492 -5.28 14.55 -0.15
CA ILE A 492 -6.42 14.12 -0.95
C ILE A 492 -6.37 14.77 -2.32
N ASP A 493 -6.07 13.98 -3.34
CA ASP A 493 -5.98 14.51 -4.68
C ASP A 493 -7.29 15.18 -5.08
N ASN A 494 -7.19 16.29 -5.80
CA ASN A 494 -8.38 16.97 -6.26
C ASN A 494 -9.23 16.00 -7.06
N LEU A 495 -8.58 15.13 -7.82
CA LEU A 495 -9.33 14.15 -8.59
C LEU A 495 -10.23 13.36 -7.68
N THR A 496 -9.66 12.84 -6.60
CA THR A 496 -10.44 12.05 -5.67
C THR A 496 -11.61 12.86 -5.22
N ARG A 497 -11.35 14.08 -4.79
CA ARG A 497 -12.42 14.96 -4.36
C ARG A 497 -13.50 15.01 -5.41
N LEU A 498 -13.10 15.30 -6.65
CA LEU A 498 -14.07 15.39 -7.73
C LEU A 498 -14.82 14.10 -7.85
N LEU A 499 -14.11 12.99 -7.83
CA LEU A 499 -14.74 11.69 -7.99
C LEU A 499 -15.82 11.53 -6.94
N LEU A 500 -15.51 11.90 -5.70
CA LEU A 500 -16.49 11.78 -4.63
C LEU A 500 -17.73 12.58 -4.98
N LEU A 501 -17.52 13.83 -5.37
CA LEU A 501 -18.65 14.69 -5.69
C LEU A 501 -19.55 14.01 -6.69
N ILE A 502 -18.96 13.51 -7.77
CA ILE A 502 -19.76 12.88 -8.79
C ILE A 502 -20.53 11.72 -8.18
N GLY A 503 -19.84 10.92 -7.39
CA GLY A 503 -20.49 9.77 -6.77
C GLY A 503 -21.66 10.20 -5.90
N VAL A 504 -21.45 11.24 -5.08
CA VAL A 504 -22.51 11.70 -4.21
C VAL A 504 -23.71 12.13 -5.04
N LEU A 505 -23.44 12.83 -6.13
CA LEU A 505 -24.52 13.25 -7.01
C LEU A 505 -25.26 12.04 -7.51
N LEU A 506 -24.53 11.03 -7.93
CA LEU A 506 -25.16 9.84 -8.47
C LEU A 506 -26.08 9.22 -7.44
N ILE A 507 -25.57 9.01 -6.24
CA ILE A 507 -26.37 8.37 -5.21
C ILE A 507 -27.49 9.29 -4.81
N PHE A 508 -27.24 10.59 -4.87
CA PHE A 508 -28.27 11.55 -4.54
C PHE A 508 -29.40 11.41 -5.54
N MET A 509 -29.04 11.39 -6.81
CA MET A 509 -30.04 11.25 -7.86
C MET A 509 -30.78 9.94 -7.71
N TYR A 510 -30.04 8.86 -7.50
CA TYR A 510 -30.66 7.55 -7.36
C TYR A 510 -31.62 7.55 -6.20
N ALA A 511 -31.19 8.08 -5.07
CA ALA A 511 -32.03 8.12 -3.89
C ALA A 511 -33.32 8.84 -4.22
N LEU A 512 -33.18 10.07 -4.71
CA LEU A 512 -34.38 10.85 -5.01
C LEU A 512 -35.23 10.13 -6.04
N PHE A 513 -34.61 9.67 -7.12
CA PHE A 513 -35.35 9.00 -8.17
C PHE A 513 -36.18 7.86 -7.61
N ASN A 514 -35.86 7.43 -6.40
CA ASN A 514 -36.60 6.34 -5.78
C ASN A 514 -37.46 6.81 -4.62
N ASN A 515 -37.22 8.03 -4.15
CA ASN A 515 -37.97 8.55 -3.02
C ASN A 515 -38.90 9.69 -3.39
N VAL A 516 -39.09 9.92 -4.68
CA VAL A 516 -40.03 10.94 -5.12
C VAL A 516 -41.14 10.30 -5.93
N THR A 517 -42.33 10.89 -5.91
CA THR A 517 -43.46 10.28 -6.61
C THR A 517 -44.47 11.31 -7.08
N SER A 518 -45.52 10.85 -7.74
CA SER A 518 -46.54 11.74 -8.24
C SER A 518 -47.10 12.60 -7.11
N VAL A 519 -47.42 11.97 -6.00
CA VAL A 519 -47.94 12.71 -4.86
C VAL A 519 -46.77 13.24 -4.05
N LEU A 520 -46.45 14.51 -4.23
CA LEU A 520 -45.28 15.06 -3.55
C LEU A 520 -45.35 14.96 -2.04
N TYR A 521 -46.46 15.37 -1.43
CA TYR A 521 -46.51 15.36 0.02
C TYR A 521 -46.26 13.94 0.50
N ARG A 522 -46.76 12.96 -0.25
CA ARG A 522 -46.53 11.57 0.11
C ARG A 522 -45.08 11.23 -0.09
N SER A 523 -44.49 11.72 -1.17
CA SER A 523 -43.09 11.45 -1.45
C SER A 523 -42.24 12.08 -0.37
N LYS A 524 -41.06 11.52 -0.14
CA LYS A 524 -40.20 12.03 0.92
C LYS A 524 -38.81 12.32 0.40
N PRO A 525 -38.66 13.41 -0.35
CA PRO A 525 -37.34 13.79 -0.85
C PRO A 525 -36.42 14.20 0.28
N LEU A 526 -36.94 15.00 1.20
CA LEU A 526 -36.13 15.46 2.32
C LEU A 526 -35.32 14.34 2.93
N CYS A 527 -36.00 13.27 3.35
CA CYS A 527 -35.30 12.18 4.00
C CYS A 527 -34.14 11.68 3.15
N ALA A 528 -34.40 11.43 1.88
CA ALA A 528 -33.34 10.96 1.00
C ALA A 528 -32.17 11.90 1.03
N VAL A 529 -32.43 13.17 0.77
CA VAL A 529 -31.37 14.16 0.77
C VAL A 529 -30.55 14.07 2.03
N MET A 530 -31.21 14.15 3.18
CA MET A 530 -30.51 14.10 4.45
C MET A 530 -29.90 12.73 4.69
N GLY A 531 -30.47 11.70 4.08
CA GLY A 531 -29.93 10.37 4.24
C GLY A 531 -28.50 10.35 3.75
N ILE A 532 -28.27 10.96 2.60
CA ILE A 532 -26.91 11.03 2.08
C ILE A 532 -26.04 11.74 3.09
N PHE A 533 -26.40 12.97 3.43
CA PHE A 533 -25.61 13.74 4.36
C PHE A 533 -25.34 12.94 5.61
N CYS A 534 -26.38 12.29 6.12
CA CYS A 534 -26.23 11.53 7.35
C CYS A 534 -24.96 10.71 7.30
N GLY A 535 -24.75 10.03 6.18
CA GLY A 535 -23.57 9.21 6.04
C GLY A 535 -22.30 10.04 6.06
N PHE A 536 -22.28 11.11 5.30
CA PHE A 536 -21.09 11.95 5.24
C PHE A 536 -20.75 12.48 6.62
N LEU A 537 -21.75 13.02 7.30
CA LEU A 537 -21.53 13.58 8.61
C LEU A 537 -20.97 12.50 9.50
N GLY A 538 -21.41 11.27 9.28
CA GLY A 538 -20.88 10.15 10.03
C GLY A 538 -19.40 10.02 9.78
N PHE A 539 -19.00 10.09 8.52
CA PHE A 539 -17.59 9.94 8.18
C PHE A 539 -16.79 10.97 8.94
N LEU A 540 -17.20 12.23 8.83
CA LEU A 540 -16.49 13.30 9.50
C LEU A 540 -16.44 13.04 11.00
N SER A 541 -17.59 12.84 11.62
CA SER A 541 -17.63 12.66 13.07
C SER A 541 -16.74 11.52 13.50
N GLY A 542 -16.85 10.38 12.83
CA GLY A 542 -16.04 9.24 13.19
C GLY A 542 -14.58 9.55 13.01
N SER A 543 -14.22 10.05 11.83
CA SER A 543 -12.83 10.37 11.56
C SER A 543 -12.31 11.29 12.64
N GLY A 544 -13.08 12.31 12.96
CA GLY A 544 -12.64 13.27 13.96
C GLY A 544 -12.40 12.56 15.27
N PHE A 545 -13.30 11.67 15.63
CA PHE A 545 -13.16 10.96 16.89
C PHE A 545 -11.84 10.22 16.90
N LEU A 546 -11.53 9.53 15.81
CA LEU A 546 -10.29 8.79 15.73
C LEU A 546 -9.09 9.72 15.77
N TYR A 547 -9.19 10.85 15.07
CA TYR A 547 -8.10 11.81 15.09
C TYR A 547 -7.89 12.23 16.52
N PHE A 548 -8.96 12.53 17.23
CA PHE A 548 -8.82 12.87 18.63
C PHE A 548 -7.99 11.81 19.30
N LEU A 549 -8.34 10.55 19.04
CA LEU A 549 -7.62 9.45 19.67
C LEU A 549 -6.19 9.38 19.17
N GLY A 550 -5.89 10.10 18.09
CA GLY A 550 -4.53 10.11 17.59
C GLY A 550 -4.27 9.18 16.42
N VAL A 551 -5.26 8.37 16.08
CA VAL A 551 -5.09 7.43 14.98
C VAL A 551 -4.62 8.16 13.72
N LYS A 552 -3.48 7.74 13.18
CA LYS A 552 -2.95 8.39 11.99
C LYS A 552 -3.73 7.98 10.76
N SER A 553 -3.84 8.88 9.79
CA SER A 553 -4.52 8.55 8.56
C SER A 553 -3.58 7.82 7.63
N VAL A 554 -4.12 7.20 6.59
CA VAL A 554 -3.30 6.48 5.64
C VAL A 554 -3.76 6.80 4.22
N PRO A 555 -2.89 6.53 3.24
CA PRO A 555 -3.28 6.78 1.85
C PRO A 555 -4.58 6.06 1.45
N PRO A 556 -4.75 4.78 1.82
CA PRO A 556 -5.96 4.09 1.37
C PRO A 556 -7.24 4.70 1.94
N ALA A 557 -7.12 5.55 2.95
CA ALA A 557 -8.29 6.13 3.59
C ALA A 557 -9.11 6.98 2.63
N GLU A 558 -8.52 7.32 1.48
CA GLU A 558 -9.21 8.15 0.50
C GLU A 558 -10.52 7.51 0.09
N THR A 559 -10.60 6.20 0.11
CA THR A 559 -11.80 5.51 -0.32
C THR A 559 -12.84 5.40 0.77
N VAL A 560 -12.44 5.68 2.02
CA VAL A 560 -13.37 5.54 3.13
C VAL A 560 -14.65 6.34 2.91
N PRO A 561 -14.51 7.62 2.52
CA PRO A 561 -15.75 8.39 2.39
C PRO A 561 -16.68 7.74 1.41
N PHE A 562 -16.16 7.36 0.25
CA PHE A 562 -16.99 6.76 -0.78
C PHE A 562 -17.84 5.63 -0.22
N LEU A 563 -17.20 4.67 0.44
CA LEU A 563 -17.93 3.52 0.93
C LEU A 563 -18.89 3.92 2.03
N VAL A 564 -18.36 4.54 3.08
CA VAL A 564 -19.20 4.91 4.22
C VAL A 564 -20.54 5.49 3.76
N ILE A 565 -20.49 6.46 2.86
CA ILE A 565 -21.72 7.09 2.41
C ILE A 565 -22.66 6.04 1.84
N GLY A 566 -22.15 5.20 0.96
CA GLY A 566 -22.98 4.20 0.33
C GLY A 566 -23.64 3.26 1.32
N VAL A 567 -22.86 2.71 2.22
CA VAL A 567 -23.39 1.79 3.20
C VAL A 567 -24.48 2.46 4.03
N GLY A 568 -24.21 3.69 4.47
CA GLY A 568 -25.17 4.41 5.30
C GLY A 568 -26.51 4.57 4.64
N VAL A 569 -26.53 5.13 3.43
CA VAL A 569 -27.79 5.38 2.74
C VAL A 569 -28.68 4.15 2.69
N ASP A 570 -28.07 2.97 2.80
CA ASP A 570 -28.85 1.74 2.73
C ASP A 570 -29.88 1.68 3.84
N ASP A 571 -29.48 2.06 5.05
CA ASP A 571 -30.40 2.02 6.18
C ASP A 571 -31.57 2.94 5.90
N VAL A 572 -31.31 4.06 5.24
CA VAL A 572 -32.38 4.99 4.92
C VAL A 572 -33.45 4.25 4.17
N PHE A 573 -33.04 3.50 3.16
CA PHE A 573 -34.02 2.79 2.34
C PHE A 573 -34.85 1.87 3.20
N VAL A 574 -34.21 1.07 4.05
CA VAL A 574 -34.94 0.14 4.89
C VAL A 574 -36.03 0.87 5.66
N ILE A 575 -35.64 1.84 6.48
CA ILE A 575 -36.61 2.57 7.28
C ILE A 575 -37.76 3.01 6.40
N LEU A 576 -37.44 3.69 5.31
CA LEU A 576 -38.49 4.19 4.44
C LEU A 576 -39.41 3.07 4.00
N ASN A 577 -38.83 1.91 3.69
CA ASN A 577 -39.65 0.81 3.20
C ASN A 577 -40.69 0.47 4.24
N SER A 578 -40.25 0.31 5.48
CA SER A 578 -41.17 0.00 6.55
C SER A 578 -42.26 1.05 6.60
N TYR A 579 -41.86 2.31 6.67
CA TYR A 579 -42.83 3.38 6.72
C TYR A 579 -43.83 3.26 5.60
N SER A 580 -43.35 3.18 4.37
CA SER A 580 -44.26 3.13 3.23
C SER A 580 -45.21 1.96 3.33
N LEU A 581 -44.69 0.79 3.64
CA LEU A 581 -45.54 -0.39 3.76
C LEU A 581 -46.52 -0.24 4.90
N LEU A 582 -46.34 0.79 5.72
CA LEU A 582 -47.27 1.02 6.82
C LEU A 582 -48.23 2.14 6.50
N PHE A 583 -48.69 2.19 5.26
CA PHE A 583 -49.62 3.25 4.85
C PHE A 583 -50.95 3.10 5.55
N MET A 584 -51.28 1.88 5.94
CA MET A 584 -52.55 1.64 6.60
C MET A 584 -52.68 2.46 7.88
N VAL A 585 -51.62 2.52 8.66
CA VAL A 585 -51.66 3.27 9.91
C VAL A 585 -52.12 4.69 9.68
N LYS A 586 -52.96 5.21 10.58
CA LYS A 586 -53.46 6.57 10.43
C LYS A 586 -52.69 7.58 11.29
N ASP A 587 -52.54 7.29 12.57
CA ASP A 587 -51.79 8.18 13.44
C ASP A 587 -50.33 8.12 13.05
N ASN A 588 -49.80 9.24 12.56
CA ASN A 588 -48.42 9.23 12.10
C ASN A 588 -47.45 8.84 13.20
N LYS A 589 -47.64 9.41 14.38
CA LYS A 589 -46.77 9.06 15.49
C LYS A 589 -46.70 7.55 15.59
N LYS A 590 -47.85 6.89 15.59
CA LYS A 590 -47.87 5.44 15.66
C LYS A 590 -47.15 4.88 14.45
N ARG A 591 -47.40 5.45 13.28
CA ARG A 591 -46.79 4.92 12.08
C ARG A 591 -45.28 4.96 12.21
N ILE A 592 -44.74 6.11 12.59
CA ILE A 592 -43.30 6.23 12.75
C ILE A 592 -42.81 5.24 13.79
N GLN A 593 -43.50 5.18 14.92
CA GLN A 593 -43.10 4.26 15.98
C GLN A 593 -43.08 2.84 15.45
N MET A 594 -44.19 2.39 14.89
CA MET A 594 -44.27 1.05 14.38
C MET A 594 -43.18 0.83 13.34
N CYS A 595 -43.03 1.79 12.44
CA CYS A 595 -41.99 1.70 11.43
C CYS A 595 -40.65 1.38 12.08
N LEU A 596 -40.20 2.25 12.95
CA LEU A 596 -38.90 2.06 13.57
C LEU A 596 -38.85 0.70 14.23
N LYS A 597 -39.91 0.35 14.94
CA LYS A 597 -39.93 -0.93 15.63
C LYS A 597 -39.72 -2.04 14.64
N ASP A 598 -40.38 -1.94 13.49
CA ASP A 598 -40.27 -2.99 12.49
C ASP A 598 -38.86 -3.11 11.95
N SER A 599 -38.21 -1.98 11.65
CA SER A 599 -36.89 -2.04 11.03
C SER A 599 -35.73 -1.85 11.99
N ALA A 600 -36.01 -1.80 13.29
CA ALA A 600 -34.95 -1.55 14.26
C ALA A 600 -33.91 -2.64 14.24
N LEU A 601 -34.33 -3.88 14.47
CA LEU A 601 -33.37 -4.97 14.52
C LEU A 601 -32.57 -5.03 13.24
N ALA A 602 -33.22 -4.82 12.10
CA ALA A 602 -32.53 -4.94 10.82
C ALA A 602 -31.43 -3.90 10.67
N ILE A 603 -31.75 -2.63 10.86
CA ILE A 603 -30.77 -1.58 10.67
C ILE A 603 -29.65 -1.71 11.69
N THR A 604 -29.98 -2.19 12.88
CA THR A 604 -28.98 -2.36 13.91
C THR A 604 -28.03 -3.49 13.57
N VAL A 605 -28.58 -4.66 13.28
CA VAL A 605 -27.74 -5.82 12.97
C VAL A 605 -26.88 -5.55 11.76
N THR A 606 -27.48 -5.00 10.71
CA THR A 606 -26.74 -4.75 9.49
C THR A 606 -25.48 -3.96 9.82
N THR A 607 -25.64 -2.87 10.55
CA THR A 607 -24.49 -2.06 10.91
C THR A 607 -23.54 -2.86 11.77
N LEU A 608 -24.06 -3.46 12.82
CA LEU A 608 -23.20 -4.22 13.72
C LEU A 608 -22.30 -5.12 12.91
N THR A 609 -22.88 -5.84 11.98
CA THR A 609 -22.10 -6.77 11.19
C THR A 609 -20.98 -6.04 10.48
N ASN A 610 -21.33 -4.94 9.82
CA ASN A 610 -20.33 -4.21 9.07
C ASN A 610 -19.21 -3.79 9.99
N ILE A 611 -19.56 -3.15 11.10
CA ILE A 611 -18.55 -2.72 12.05
C ILE A 611 -17.66 -3.89 12.41
N ILE A 612 -18.26 -4.95 12.90
CA ILE A 612 -17.49 -6.12 13.30
C ILE A 612 -16.48 -6.50 12.26
N ALA A 613 -16.94 -6.73 11.03
CA ALA A 613 -16.04 -7.16 9.97
C ALA A 613 -14.84 -6.24 9.86
N PHE A 614 -15.10 -4.94 9.77
CA PHE A 614 -14.01 -4.00 9.60
C PHE A 614 -13.04 -4.10 10.76
N LEU A 615 -13.56 -4.12 11.98
CA LEU A 615 -12.69 -4.24 13.14
C LEU A 615 -11.83 -5.48 12.99
N ILE A 616 -12.45 -6.61 12.72
CA ILE A 616 -11.69 -7.85 12.59
C ILE A 616 -10.57 -7.64 11.61
N SER A 617 -10.87 -6.94 10.52
CA SER A 617 -9.84 -6.68 9.51
C SER A 617 -8.75 -5.79 10.07
N ALA A 618 -9.13 -4.78 10.84
CA ALA A 618 -8.13 -3.85 11.38
C ALA A 618 -6.96 -4.55 12.00
N ILE A 619 -7.18 -5.77 12.48
CA ILE A 619 -6.12 -6.49 13.17
C ILE A 619 -4.93 -6.71 12.24
N SER A 620 -5.11 -6.43 10.96
CA SER A 620 -4.03 -6.65 10.00
C SER A 620 -2.74 -5.98 10.41
N PRO A 621 -1.60 -6.64 10.12
CA PRO A 621 -0.32 -5.98 10.44
C PRO A 621 -0.15 -4.68 9.68
N PHE A 622 -0.39 -4.69 8.38
CA PHE A 622 -0.24 -3.50 7.57
C PHE A 622 -1.05 -2.34 8.12
N TYR A 623 -0.37 -1.26 8.47
CA TYR A 623 -1.06 -0.11 9.06
C TYR A 623 -2.10 0.46 8.12
N SER A 624 -1.82 0.44 6.82
CA SER A 624 -2.76 1.01 5.88
C SER A 624 -4.11 0.34 6.06
N ILE A 625 -4.11 -0.99 6.05
CA ILE A 625 -5.35 -1.72 6.23
C ILE A 625 -5.95 -1.42 7.58
N CYS A 626 -5.11 -1.46 8.60
CA CYS A 626 -5.60 -1.19 9.96
C CYS A 626 -6.36 0.11 9.99
N ALA A 627 -5.72 1.19 9.60
CA ALA A 627 -6.37 2.50 9.63
C ALA A 627 -7.62 2.51 8.77
N PHE A 628 -7.48 2.11 7.51
CA PHE A 628 -8.62 2.16 6.61
C PHE A 628 -9.83 1.53 7.24
N SER A 629 -9.63 0.36 7.83
CA SER A 629 -10.74 -0.33 8.47
C SER A 629 -11.22 0.44 9.68
N LEU A 630 -10.30 0.75 10.59
CA LEU A 630 -10.69 1.43 11.80
C LEU A 630 -11.51 2.66 11.48
N PHE A 631 -11.03 3.48 10.55
CA PHE A 631 -11.75 4.71 10.23
C PHE A 631 -13.11 4.39 9.67
N THR A 632 -13.17 3.43 8.77
CA THR A 632 -14.44 3.07 8.17
C THR A 632 -15.41 2.60 9.25
N ALA A 633 -14.94 1.74 10.13
CA ALA A 633 -15.80 1.19 11.16
C ALA A 633 -16.38 2.30 12.02
N SER A 634 -15.54 3.20 12.48
CA SER A 634 -16.00 4.30 13.31
C SER A 634 -17.01 5.14 12.56
N SER A 635 -16.72 5.42 11.29
CA SER A 635 -17.63 6.23 10.50
C SER A 635 -18.99 5.58 10.46
N LEU A 636 -19.02 4.28 10.18
CA LEU A 636 -20.29 3.58 10.11
C LEU A 636 -21.03 3.68 11.42
N PHE A 637 -20.32 3.51 12.54
CA PHE A 637 -20.96 3.58 13.84
C PHE A 637 -21.68 4.90 14.03
N PHE A 638 -20.94 5.99 13.93
CA PHE A 638 -21.54 7.30 14.15
C PHE A 638 -22.64 7.56 13.15
N GLY A 639 -22.46 7.10 11.92
CA GLY A 639 -23.48 7.28 10.92
C GLY A 639 -24.77 6.63 11.36
N TYR A 640 -24.67 5.43 11.93
CA TYR A 640 -25.84 4.74 12.41
C TYR A 640 -26.52 5.57 13.46
N LEU A 641 -25.73 6.15 14.37
CA LEU A 641 -26.29 6.98 15.41
C LEU A 641 -27.05 8.12 14.76
N MET A 642 -26.45 8.72 13.74
CA MET A 642 -27.08 9.84 13.06
C MET A 642 -28.42 9.41 12.47
N VAL A 643 -28.47 8.24 11.86
CA VAL A 643 -29.70 7.76 11.28
C VAL A 643 -30.78 7.67 12.33
N LEU A 644 -30.43 7.09 13.48
CA LEU A 644 -31.40 6.94 14.55
C LEU A 644 -31.83 8.29 15.09
N THR A 645 -31.00 9.31 14.91
CA THR A 645 -31.35 10.65 15.36
C THR A 645 -31.69 11.55 14.19
N PHE A 646 -30.69 12.25 13.67
CA PHE A 646 -30.91 13.15 12.53
C PHE A 646 -31.96 12.65 11.56
N LEU A 647 -31.64 11.59 10.81
CA LEU A 647 -32.56 11.13 9.77
C LEU A 647 -33.94 10.84 10.30
N LEU A 648 -34.03 10.11 11.41
CA LEU A 648 -35.32 9.76 11.96
C LEU A 648 -36.13 11.02 12.21
N SER A 649 -35.46 12.05 12.73
CA SER A 649 -36.15 13.29 13.01
C SER A 649 -36.70 13.88 11.73
N PHE A 650 -35.90 13.87 10.68
CA PHE A 650 -36.34 14.39 9.40
C PHE A 650 -37.51 13.57 8.88
N LEU A 651 -37.46 12.26 9.08
CA LEU A 651 -38.57 11.42 8.68
C LEU A 651 -39.80 11.88 9.39
N CYS A 652 -39.67 12.17 10.68
CA CYS A 652 -40.82 12.60 11.45
C CYS A 652 -41.43 13.85 10.85
N ILE A 653 -40.59 14.84 10.60
CA ILE A 653 -41.09 16.10 10.03
C ILE A 653 -41.86 15.83 8.76
N GLU A 654 -41.23 15.14 7.82
CA GLU A 654 -41.88 14.87 6.55
C GLU A 654 -43.16 14.09 6.76
N ALA A 655 -43.15 13.15 7.70
CA ALA A 655 -44.33 12.37 7.97
C ALA A 655 -45.45 13.29 8.42
N LYS A 656 -45.14 14.20 9.32
CA LYS A 656 -46.14 15.14 9.81
C LYS A 656 -46.70 15.96 8.67
N LEU A 657 -45.84 16.35 7.73
CA LEU A 657 -46.31 17.09 6.58
C LEU A 657 -47.28 16.25 5.76
N GLU A 658 -46.94 14.99 5.55
CA GLU A 658 -47.79 14.11 4.77
C GLU A 658 -49.17 14.04 5.37
N LYS A 659 -49.24 13.95 6.69
CA LYS A 659 -50.52 13.88 7.37
C LYS A 659 -51.36 15.07 6.97
N LYS A 660 -50.73 16.24 6.90
CA LYS A 660 -51.44 17.44 6.50
C LYS A 660 -51.45 17.57 4.99
N LYS A 661 -51.00 16.53 4.29
CA LYS A 661 -50.93 16.58 2.84
C LYS A 661 -50.20 17.83 2.39
N ARG A 662 -49.29 18.31 3.22
CA ARG A 662 -48.53 19.50 2.87
C ARG A 662 -47.19 19.13 2.25
N ASN A 663 -47.03 19.40 0.97
CA ASN A 663 -45.75 19.15 0.34
C ASN A 663 -44.68 19.94 1.07
N ILE A 664 -43.42 19.56 0.89
CA ILE A 664 -42.33 20.27 1.55
C ILE A 664 -42.45 21.77 1.34
N PHE A 665 -42.58 22.20 0.09
CA PHE A 665 -42.65 23.62 -0.19
C PHE A 665 -43.88 24.24 0.44
N THR A 666 -45.00 23.53 0.40
CA THR A 666 -46.22 24.02 1.01
C THR A 666 -46.00 24.25 2.48
N GLY A 667 -45.41 23.26 3.14
CA GLY A 667 -45.18 23.38 4.58
C GLY A 667 -44.27 24.54 4.87
N THR A 668 -43.29 24.75 4.00
CA THR A 668 -42.35 25.85 4.18
C THR A 668 -43.01 27.22 4.13
N PHE A 669 -43.80 27.47 3.08
CA PHE A 669 -44.49 28.74 3.00
C PHE A 669 -45.42 28.86 4.19
N HIS A 670 -46.09 27.77 4.51
CA HIS A 670 -47.03 27.79 5.62
C HIS A 670 -46.32 28.07 6.94
N LEU A 671 -45.14 27.48 7.12
CA LEU A 671 -44.39 27.70 8.36
C LEU A 671 -43.96 29.14 8.43
N PHE A 672 -43.55 29.71 7.30
CA PHE A 672 -43.16 31.11 7.27
C PHE A 672 -44.35 31.96 7.69
N ARG A 673 -45.52 31.62 7.18
CA ARG A 673 -46.72 32.36 7.55
C ARG A 673 -46.98 32.26 9.05
N GLU A 719 -54.77 0.79 13.54
CA GLU A 719 -54.42 -0.16 14.58
C GLU A 719 -53.00 -0.66 14.42
N ASN A 720 -52.65 -1.73 15.12
CA ASN A 720 -51.31 -2.30 14.99
C ASN A 720 -51.38 -3.68 14.37
N ILE A 721 -50.81 -3.83 13.18
CA ILE A 721 -50.83 -5.11 12.49
C ILE A 721 -49.48 -5.42 11.87
N SER A 722 -49.01 -6.66 12.04
CA SER A 722 -47.73 -7.04 11.47
C SER A 722 -47.73 -6.84 9.98
N ILE A 723 -46.67 -6.23 9.46
CA ILE A 723 -46.57 -6.03 8.03
C ILE A 723 -46.69 -7.39 7.35
N TYR A 724 -46.09 -8.41 7.94
CA TYR A 724 -46.17 -9.74 7.39
C TYR A 724 -47.63 -10.17 7.37
N GLU A 725 -48.33 -9.88 8.45
CA GLU A 725 -49.73 -10.23 8.51
C GLU A 725 -50.47 -9.55 7.38
N TRP A 726 -50.26 -8.25 7.25
CA TRP A 726 -50.95 -7.52 6.20
C TRP A 726 -50.64 -8.09 4.83
N ILE A 727 -49.37 -8.22 4.50
CA ILE A 727 -49.00 -8.68 3.16
C ILE A 727 -49.64 -10.02 2.89
N HIS A 728 -49.62 -10.91 3.88
CA HIS A 728 -50.23 -12.21 3.69
C HIS A 728 -51.68 -12.01 3.38
N ASN A 729 -52.37 -11.26 4.23
CA ASN A 729 -53.79 -11.02 4.03
C ASN A 729 -54.01 -10.44 2.65
N LEU A 730 -53.11 -9.57 2.23
CA LEU A 730 -53.22 -9.00 0.89
C LEU A 730 -53.31 -10.12 -0.12
N TYR A 731 -52.30 -10.97 -0.15
CA TYR A 731 -52.28 -12.05 -1.12
C TYR A 731 -53.52 -12.92 -1.00
N LEU A 732 -53.89 -13.27 0.23
CA LEU A 732 -55.09 -14.05 0.43
C LEU A 732 -56.26 -13.29 -0.18
N PHE A 733 -56.47 -12.06 0.26
CA PHE A 733 -57.54 -11.25 -0.29
C PHE A 733 -57.48 -11.27 -1.80
N GLU A 734 -56.32 -11.10 -2.37
CA GLU A 734 -56.15 -11.10 -3.81
C GLU A 734 -56.62 -12.44 -4.33
N GLU A 735 -56.13 -13.52 -3.74
CA GLU A 735 -56.54 -14.85 -4.16
C GLU A 735 -58.05 -14.88 -4.24
N SER A 736 -58.70 -14.29 -3.25
CA SER A 736 -60.17 -14.28 -3.24
C SER A 736 -60.70 -13.12 -4.08
N LYS A 1046 -59.00 -4.19 -0.49
CA LYS A 1046 -59.61 -2.86 -0.46
C LYS A 1046 -58.59 -1.80 -0.12
N TYR A 1047 -59.03 -0.70 0.48
CA TYR A 1047 -58.13 0.39 0.82
C TYR A 1047 -56.93 -0.14 1.59
N ILE A 1048 -57.19 -1.00 2.56
CA ILE A 1048 -56.11 -1.59 3.34
C ILE A 1048 -55.12 -2.28 2.42
N TYR A 1049 -55.63 -2.86 1.34
CA TYR A 1049 -54.77 -3.63 0.44
C TYR A 1049 -54.45 -2.88 -0.85
N GLU A 1050 -54.69 -1.59 -0.87
CA GLU A 1050 -54.37 -0.79 -2.05
C GLU A 1050 -53.47 0.36 -1.67
N GLU A 1051 -52.18 0.25 -1.98
CA GLU A 1051 -51.24 1.30 -1.61
C GLU A 1051 -51.66 2.62 -2.19
N PRO A 1052 -51.73 3.66 -1.34
CA PRO A 1052 -52.09 4.99 -1.83
C PRO A 1052 -51.22 5.37 -3.00
N LYS A 1053 -51.80 6.03 -4.00
CA LYS A 1053 -51.02 6.48 -5.15
C LYS A 1053 -49.81 7.25 -4.69
N GLY A 1054 -48.64 6.84 -5.15
CA GLY A 1054 -47.43 7.55 -4.79
C GLY A 1054 -46.69 7.04 -3.58
N ASN A 1055 -47.12 5.93 -3.00
CA ASN A 1055 -46.36 5.38 -1.89
C ASN A 1055 -44.93 5.31 -2.36
N ILE A 1056 -43.99 5.70 -1.51
CA ILE A 1056 -42.60 5.75 -1.94
C ILE A 1056 -42.20 4.55 -2.77
N GLY A 1057 -42.55 3.34 -2.34
CA GLY A 1057 -42.13 2.16 -3.08
C GLY A 1057 -43.25 1.43 -3.79
N LYS A 1058 -44.37 2.09 -4.00
CA LYS A 1058 -45.53 1.42 -4.59
C LYS A 1058 -45.22 0.82 -5.96
N TYR A 1059 -44.58 1.59 -6.83
CA TYR A 1059 -44.33 1.11 -8.18
C TYR A 1059 -43.42 -0.12 -8.19
N PHE A 1060 -42.19 0.05 -7.76
CA PHE A 1060 -41.25 -1.06 -7.81
C PHE A 1060 -41.89 -2.34 -7.33
N ARG A 1061 -42.51 -2.30 -6.16
CA ARG A 1061 -43.15 -3.48 -5.64
C ARG A 1061 -44.07 -4.04 -6.69
N SER A 1062 -44.99 -3.21 -7.18
CA SER A 1062 -45.94 -3.68 -8.16
C SER A 1062 -45.19 -4.42 -9.26
N LEU A 1063 -44.12 -3.82 -9.74
CA LEU A 1063 -43.34 -4.45 -10.80
C LEU A 1063 -42.85 -5.81 -10.36
N VAL A 1064 -42.31 -5.88 -9.15
CA VAL A 1064 -41.78 -7.14 -8.66
C VAL A 1064 -42.87 -8.18 -8.56
N LYS A 1065 -44.00 -7.80 -7.98
CA LYS A 1065 -45.08 -8.74 -7.79
C LYS A 1065 -45.70 -9.16 -9.12
N ASN A 1066 -45.78 -8.24 -10.07
CA ASN A 1066 -46.45 -8.55 -11.33
C ASN A 1066 -45.50 -9.06 -12.40
N TYR A 1067 -44.22 -9.16 -12.09
CA TYR A 1067 -43.26 -9.58 -13.10
C TYR A 1067 -42.14 -10.44 -12.55
N TYR A 1068 -41.26 -9.87 -11.75
CA TYR A 1068 -40.11 -10.64 -11.28
C TYR A 1068 -40.52 -11.88 -10.51
N VAL A 1069 -41.33 -11.72 -9.48
CA VAL A 1069 -41.71 -12.87 -8.68
C VAL A 1069 -42.34 -13.93 -9.56
N PRO A 1070 -43.32 -13.57 -10.38
CA PRO A 1070 -43.86 -14.59 -11.27
C PRO A 1070 -42.75 -15.37 -11.95
N PHE A 1071 -41.77 -14.68 -12.49
CA PHE A 1071 -40.69 -15.36 -13.21
C PHE A 1071 -39.98 -16.34 -12.30
N LEU A 1072 -39.59 -15.87 -11.12
CA LEU A 1072 -38.87 -16.73 -10.20
C LEU A 1072 -39.71 -17.96 -9.90
N SER A 1073 -40.99 -17.75 -9.64
CA SER A 1073 -41.87 -18.86 -9.31
C SER A 1073 -41.94 -19.81 -10.48
N SER A 1074 -41.99 -19.26 -11.69
CA SER A 1074 -42.05 -20.09 -12.88
C SER A 1074 -41.00 -21.19 -12.85
N ARG A 1075 -41.42 -22.41 -13.11
CA ARG A 1075 -40.48 -23.53 -13.16
C ARG A 1075 -39.42 -23.22 -14.18
N PHE A 1076 -39.83 -22.70 -15.32
CA PHE A 1076 -38.87 -22.34 -16.35
C PHE A 1076 -37.93 -21.31 -15.78
N GLY A 1077 -38.49 -20.32 -15.09
CA GLY A 1077 -37.67 -19.30 -14.48
C GLY A 1077 -36.65 -19.95 -13.58
N LYS A 1078 -37.11 -20.80 -12.68
CA LYS A 1078 -36.20 -21.46 -11.76
C LYS A 1078 -35.13 -22.17 -12.54
N THR A 1079 -35.54 -23.01 -13.48
CA THR A 1079 -34.58 -23.70 -14.32
C THR A 1079 -33.51 -22.73 -14.72
N ILE A 1080 -33.91 -21.63 -15.34
CA ILE A 1080 -32.94 -20.65 -15.79
C ILE A 1080 -32.05 -20.21 -14.64
N VAL A 1081 -32.64 -19.75 -13.56
CA VAL A 1081 -31.86 -19.25 -12.44
C VAL A 1081 -30.81 -20.26 -12.03
N TYR A 1082 -31.23 -21.47 -11.75
CA TYR A 1082 -30.28 -22.47 -11.28
C TYR A 1082 -29.15 -22.67 -12.27
N ILE A 1083 -29.49 -22.82 -13.53
CA ILE A 1083 -28.47 -23.00 -14.54
C ILE A 1083 -27.54 -21.80 -14.56
N MET A 1084 -28.11 -20.59 -14.55
CA MET A 1084 -27.29 -19.41 -14.64
C MET A 1084 -26.29 -19.36 -13.50
N PHE A 1085 -26.77 -19.54 -12.29
CA PHE A 1085 -25.87 -19.53 -11.15
C PHE A 1085 -24.91 -20.71 -11.26
N THR A 1086 -25.40 -21.83 -11.76
CA THR A 1086 -24.53 -22.97 -11.95
C THR A 1086 -23.28 -22.56 -12.69
N ILE A 1087 -23.45 -22.03 -13.89
CA ILE A 1087 -22.30 -21.69 -14.68
C ILE A 1087 -21.47 -20.63 -13.95
N ILE A 1088 -22.14 -19.72 -13.26
CA ILE A 1088 -21.42 -18.67 -12.55
C ILE A 1088 -20.44 -19.30 -11.60
N ILE A 1089 -20.91 -20.25 -10.82
CA ILE A 1089 -20.03 -20.92 -9.87
C ILE A 1089 -18.94 -21.65 -10.62
N ALA A 1090 -19.32 -22.35 -11.68
CA ALA A 1090 -18.35 -23.11 -12.44
C ALA A 1090 -17.22 -22.21 -12.91
N MET A 1091 -17.58 -21.06 -13.48
CA MET A 1091 -16.57 -20.14 -13.95
C MET A 1091 -15.69 -19.76 -12.78
N SER A 1092 -16.31 -19.52 -11.63
CA SER A 1092 -15.57 -19.12 -10.45
C SER A 1092 -14.50 -20.14 -10.13
N ILE A 1093 -14.84 -21.42 -10.22
CA ILE A 1093 -13.89 -22.46 -9.89
C ILE A 1093 -12.66 -22.34 -10.77
N TYR A 1094 -12.86 -22.24 -12.07
CA TYR A 1094 -11.74 -22.09 -12.98
C TYR A 1094 -10.96 -20.86 -12.62
N GLY A 1095 -11.66 -19.84 -12.15
CA GLY A 1095 -11.01 -18.61 -11.78
C GLY A 1095 -10.00 -18.89 -10.69
N CYS A 1096 -10.40 -19.68 -9.71
CA CYS A 1096 -9.50 -19.98 -8.60
C CYS A 1096 -8.24 -20.63 -9.12
N THR A 1097 -8.37 -21.48 -10.13
CA THR A 1097 -7.22 -22.12 -10.71
C THR A 1097 -6.24 -21.07 -11.19
N LEU A 1098 -6.75 -19.96 -11.69
CA LEU A 1098 -5.88 -18.92 -12.21
C LEU A 1098 -5.53 -17.89 -11.14
N MET A 1099 -5.28 -18.35 -9.92
CA MET A 1099 -5.00 -17.43 -8.82
C MET A 1099 -3.55 -16.96 -8.83
N LYS A 1100 -3.35 -15.65 -8.86
CA LYS A 1100 -1.99 -15.11 -8.81
C LYS A 1100 -1.90 -14.10 -7.69
N LYS A 1101 -0.80 -14.14 -6.93
CA LYS A 1101 -0.66 -13.24 -5.79
C LYS A 1101 0.42 -12.21 -5.99
N GLY A 1102 0.32 -11.09 -5.29
CA GLY A 1102 1.36 -10.09 -5.34
C GLY A 1102 1.14 -8.86 -6.20
N ILE A 1103 1.68 -7.73 -5.77
CA ILE A 1103 1.57 -6.50 -6.55
C ILE A 1103 2.79 -5.66 -6.24
N LYS A 1104 3.37 -5.03 -7.25
CA LYS A 1104 4.59 -4.25 -7.03
C LYS A 1104 4.28 -3.06 -6.15
N TYR A 1105 5.14 -2.80 -5.17
CA TYR A 1105 4.90 -1.72 -4.23
C TYR A 1105 4.71 -0.39 -4.95
N ASP A 1106 5.46 -0.18 -6.01
CA ASP A 1106 5.37 1.08 -6.74
C ASP A 1106 3.94 1.36 -7.16
N LYS A 1107 3.15 0.31 -7.33
CA LYS A 1107 1.79 0.49 -7.80
C LYS A 1107 1.08 1.48 -6.91
N ALA A 1108 1.38 1.44 -5.62
CA ALA A 1108 0.78 2.38 -4.70
C ALA A 1108 0.85 3.79 -5.26
N PHE A 1109 2.02 4.22 -5.69
CA PHE A 1109 2.17 5.59 -6.16
C PHE A 1109 1.34 5.82 -7.41
N PRO A 1110 0.68 6.99 -7.51
CA PRO A 1110 -0.04 7.25 -8.75
C PRO A 1110 0.87 7.07 -9.93
N VAL A 1111 0.32 6.61 -11.04
CA VAL A 1111 1.13 6.40 -12.23
C VAL A 1111 1.81 7.70 -12.61
N ASP A 1112 1.08 8.80 -12.50
CA ASP A 1112 1.64 10.09 -12.87
C ASP A 1112 2.93 10.38 -12.13
N SER A 1113 3.06 9.88 -10.90
CA SER A 1113 4.26 10.14 -10.12
C SER A 1113 5.51 10.08 -10.99
N TYR A 1114 6.39 11.06 -10.81
CA TYR A 1114 7.63 11.07 -11.58
C TYR A 1114 8.39 9.80 -11.29
N VAL A 1115 8.25 9.29 -10.06
CA VAL A 1115 8.91 8.05 -9.72
C VAL A 1115 8.48 6.97 -10.68
N ARG A 1116 7.17 6.75 -10.77
CA ARG A 1116 6.67 5.71 -11.66
C ARG A 1116 7.14 5.96 -13.06
N ARG A 1117 7.04 7.20 -13.52
CA ARG A 1117 7.44 7.53 -14.87
C ARG A 1117 8.91 7.24 -15.07
N PHE A 1118 9.71 7.55 -14.07
CA PHE A 1118 11.14 7.31 -14.17
C PHE A 1118 11.40 5.83 -14.37
N THR A 1119 10.77 5.00 -13.55
CA THR A 1119 11.00 3.58 -13.64
C THR A 1119 10.64 3.07 -15.02
N THR A 1120 9.49 3.51 -15.53
CA THR A 1120 9.05 3.05 -16.83
C THR A 1120 10.11 3.34 -17.87
N ALA A 1121 10.61 4.58 -17.88
CA ALA A 1121 11.60 4.96 -18.88
C ALA A 1121 12.83 4.09 -18.76
N LYS A 1122 13.30 3.90 -17.55
CA LYS A 1122 14.48 3.08 -17.34
C LYS A 1122 14.25 1.72 -17.96
N ILE A 1123 13.11 1.13 -17.67
CA ILE A 1123 12.81 -0.18 -18.21
C ILE A 1123 12.81 -0.15 -19.72
N LYS A 1124 12.22 0.88 -20.29
CA LYS A 1124 12.14 0.97 -21.75
C LYS A 1124 13.50 1.10 -22.40
N TYR A 1125 14.34 1.99 -21.88
CA TYR A 1125 15.63 2.23 -22.53
C TYR A 1125 16.76 1.39 -21.96
N PHE A 1126 16.65 0.99 -20.71
CA PHE A 1126 17.68 0.18 -20.08
C PHE A 1126 17.05 -1.05 -19.48
N PRO A 1127 16.55 -1.96 -20.33
CA PRO A 1127 15.85 -3.14 -19.82
C PRO A 1127 16.75 -4.04 -19.01
N ASP A 1128 17.97 -4.26 -19.48
CA ASP A 1128 18.88 -5.16 -18.79
C ASP A 1128 19.11 -4.73 -17.36
N PHE A 1129 19.28 -3.44 -17.16
CA PHE A 1129 19.55 -2.93 -15.82
C PHE A 1129 18.27 -2.76 -15.04
N GLY A 1130 17.78 -3.85 -14.46
CA GLY A 1130 16.55 -3.78 -13.69
C GLY A 1130 16.81 -3.65 -12.21
N ASP A 1131 16.61 -4.74 -11.47
CA ASP A 1131 16.80 -4.70 -10.03
C ASP A 1131 18.26 -4.92 -9.67
N PHE A 1132 18.84 -3.98 -8.94
CA PHE A 1132 20.23 -4.09 -8.55
C PHE A 1132 20.35 -4.90 -7.27
N ILE A 1133 20.17 -6.21 -7.36
CA ILE A 1133 20.23 -7.05 -6.19
C ILE A 1133 21.61 -7.00 -5.57
N GLU A 1134 21.69 -6.98 -4.25
CA GLU A 1134 22.97 -6.90 -3.57
C GLU A 1134 23.08 -7.99 -2.52
N VAL A 1135 24.10 -8.81 -2.63
CA VAL A 1135 24.27 -9.92 -1.69
C VAL A 1135 25.37 -9.61 -0.70
N TYR A 1136 25.14 -9.90 0.57
CA TYR A 1136 26.12 -9.56 1.59
C TYR A 1136 26.49 -10.74 2.48
N TYR A 1137 27.68 -10.70 3.08
CA TYR A 1137 28.07 -11.74 4.03
C TYR A 1137 28.44 -11.06 5.32
N PHE A 1138 27.88 -11.51 6.44
CA PHE A 1138 28.14 -10.86 7.72
C PHE A 1138 28.49 -11.84 8.83
N ASP A 1139 29.76 -11.95 9.17
CA ASP A 1139 30.17 -12.84 10.24
C ASP A 1139 29.32 -12.60 11.48
N LYS A 1140 28.66 -13.63 11.95
CA LYS A 1140 27.78 -13.46 13.10
C LYS A 1140 28.56 -12.90 14.28
N HIS A 1141 29.79 -13.38 14.47
CA HIS A 1141 30.58 -12.91 15.60
C HIS A 1141 30.85 -11.42 15.51
N PHE A 1142 31.38 -10.98 14.37
CA PHE A 1142 31.68 -9.56 14.21
C PHE A 1142 30.43 -8.73 14.39
N ILE A 1143 29.38 -9.08 13.67
CA ILE A 1143 28.14 -8.34 13.77
C ILE A 1143 27.74 -8.24 15.23
N ASN A 1144 27.64 -9.37 15.90
CA ASN A 1144 27.20 -9.37 17.29
C ASN A 1144 28.08 -8.49 18.13
N LYS A 1145 29.39 -8.65 18.01
CA LYS A 1145 30.29 -7.88 18.86
C LYS A 1145 29.97 -6.41 18.78
N TYR A 1146 30.14 -5.83 17.62
CA TYR A 1146 29.92 -4.40 17.47
C TYR A 1146 28.47 -3.99 17.73
N ARG A 1147 27.52 -4.82 17.35
CA ARG A 1147 26.14 -4.51 17.65
C ARG A 1147 25.99 -4.31 19.14
N GLY A 1148 26.80 -5.03 19.91
CA GLY A 1148 26.73 -4.92 21.35
C GLY A 1148 27.17 -3.58 21.90
N LEU A 1149 28.24 -3.03 21.34
CA LEU A 1149 28.76 -1.77 21.86
C LEU A 1149 27.63 -0.76 21.89
N GLU A 1150 26.77 -0.78 20.88
CA GLU A 1150 25.62 0.10 20.88
C GLU A 1150 24.46 -0.60 21.55
N LYS A 1151 24.67 -1.11 22.76
CA LYS A 1151 23.62 -1.81 23.48
C LYS A 1151 22.22 -1.44 22.98
N GLN A 1169 15.51 -18.19 7.80
CA GLN A 1169 16.42 -17.07 8.00
C GLN A 1169 17.84 -17.54 8.26
N ILE A 1170 18.79 -16.62 8.25
CA ILE A 1170 20.18 -16.97 8.50
C ILE A 1170 20.35 -17.46 9.93
N MET A 1171 19.70 -16.79 10.87
CA MET A 1171 19.85 -17.16 12.27
C MET A 1171 19.40 -18.59 12.54
N ASN A 1172 18.75 -19.22 11.56
CA ASN A 1172 18.24 -20.57 11.78
C ASN A 1172 19.30 -21.44 12.42
N SER A 1173 20.39 -21.68 11.70
CA SER A 1173 21.46 -22.52 12.24
C SER A 1173 22.51 -21.68 12.94
N PRO A 1174 22.94 -22.11 14.15
CA PRO A 1174 23.86 -21.26 14.89
C PRO A 1174 25.17 -21.06 14.15
N LYS A 1175 25.65 -22.09 13.47
CA LYS A 1175 26.93 -21.99 12.79
C LYS A 1175 26.76 -21.62 11.33
N ILE A 1176 25.74 -20.83 11.03
CA ILE A 1176 25.50 -20.44 9.65
C ILE A 1176 26.64 -19.60 9.11
N ASN A 1177 27.06 -18.60 9.87
CA ASN A 1177 28.17 -17.74 9.43
C ASN A 1177 29.11 -17.51 10.58
N LYS A 1178 29.11 -18.41 11.55
CA LYS A 1178 29.94 -18.21 12.74
C LYS A 1178 31.39 -18.04 12.39
N ASN A 1179 31.95 -18.96 11.62
CA ASN A 1179 33.36 -18.88 11.27
C ASN A 1179 33.60 -19.51 9.91
N VAL A 1180 34.19 -18.75 9.00
CA VAL A 1180 34.43 -19.25 7.67
C VAL A 1180 35.89 -19.08 7.29
N HIS A 1181 36.56 -20.18 7.00
CA HIS A 1181 37.93 -20.10 6.57
C HIS A 1181 37.95 -19.79 5.09
N TRP A 1182 38.05 -18.51 4.75
CA TRP A 1182 38.00 -18.11 3.36
C TRP A 1182 39.26 -18.50 2.61
N GLU A 1183 40.20 -19.13 3.30
CA GLU A 1183 41.42 -19.57 2.64
C GLU A 1183 41.25 -20.96 2.02
N ASN A 1184 40.26 -21.70 2.49
CA ASN A 1184 40.02 -23.04 1.96
C ASN A 1184 39.83 -22.98 0.46
N THR A 1185 40.77 -23.54 -0.28
CA THR A 1185 40.70 -23.46 -1.73
C THR A 1185 39.35 -23.93 -2.26
N ASN A 1186 38.88 -25.05 -1.74
CA ASN A 1186 37.58 -25.56 -2.15
C ASN A 1186 36.51 -24.49 -1.98
N LEU A 1187 36.47 -23.88 -0.81
CA LEU A 1187 35.49 -22.84 -0.57
C LEU A 1187 35.69 -21.80 -1.64
N GLN A 1188 36.94 -21.39 -1.84
CA GLN A 1188 37.23 -20.39 -2.84
C GLN A 1188 36.68 -20.87 -4.17
N GLU A 1189 36.81 -22.16 -4.45
CA GLU A 1189 36.31 -22.71 -5.69
C GLU A 1189 34.78 -22.63 -5.75
N GLU A 1190 34.13 -22.96 -4.64
CA GLU A 1190 32.69 -22.88 -4.61
C GLU A 1190 32.27 -21.47 -4.95
N LEU A 1191 33.02 -20.51 -4.44
CA LEU A 1191 32.70 -19.12 -4.72
C LEU A 1191 32.66 -18.90 -6.20
N ILE A 1192 33.76 -19.17 -6.89
CA ILE A 1192 33.79 -18.89 -8.33
C ILE A 1192 32.69 -19.66 -9.03
N ASN A 1193 32.43 -20.88 -8.59
CA ASN A 1193 31.34 -21.66 -9.19
C ASN A 1193 30.02 -20.95 -8.99
N MET A 1194 29.79 -20.45 -7.79
CA MET A 1194 28.56 -19.72 -7.51
C MET A 1194 28.43 -18.57 -8.48
N HIS A 1195 29.48 -17.79 -8.61
CA HIS A 1195 29.46 -16.68 -9.53
C HIS A 1195 28.99 -17.18 -10.87
N ASN A 1196 29.61 -18.26 -11.33
CA ASN A 1196 29.27 -18.79 -12.64
C ASN A 1196 27.80 -19.20 -12.69
N THR A 1197 27.35 -19.87 -11.64
CA THR A 1197 25.97 -20.34 -11.61
C THR A 1197 25.01 -19.16 -11.71
N LEU A 1198 25.19 -18.19 -10.82
CA LEU A 1198 24.30 -17.03 -10.82
C LEU A 1198 24.33 -16.37 -12.18
N GLU A 1199 25.52 -16.23 -12.75
CA GLU A 1199 25.63 -15.63 -14.07
C GLU A 1199 24.76 -16.38 -15.07
N SER A 1200 24.83 -17.70 -15.04
CA SER A 1200 24.06 -18.50 -15.98
C SER A 1200 22.59 -18.17 -15.90
N GLN A 1201 22.08 -18.02 -14.67
CA GLN A 1201 20.67 -17.74 -14.49
C GLN A 1201 20.21 -16.72 -15.51
N GLU A 1202 19.13 -17.02 -16.22
CA GLU A 1202 18.65 -16.11 -17.25
C GLU A 1202 18.33 -14.75 -16.70
N PHE A 1203 17.63 -14.70 -15.58
CA PHE A 1203 17.21 -13.43 -15.03
C PHE A 1203 18.39 -12.52 -14.70
N VAL A 1204 19.48 -13.10 -14.22
CA VAL A 1204 20.67 -12.31 -13.95
C VAL A 1204 21.22 -11.73 -15.23
N THR A 1205 21.46 -10.43 -15.25
CA THR A 1205 22.00 -9.78 -16.45
C THR A 1205 23.49 -9.58 -16.34
N SER A 1206 23.96 -9.27 -15.13
CA SER A 1206 25.38 -9.04 -14.92
C SER A 1206 25.73 -9.08 -13.44
N VAL A 1207 26.95 -9.51 -13.13
CA VAL A 1207 27.36 -9.57 -11.73
C VAL A 1207 28.67 -8.83 -11.55
N ALA A 1208 28.96 -8.42 -10.32
CA ALA A 1208 30.19 -7.69 -10.06
C ALA A 1208 30.80 -8.17 -8.75
N ASN A 1209 31.24 -9.42 -8.74
CA ASN A 1209 31.80 -9.99 -7.53
C ASN A 1209 33.30 -9.82 -7.51
N GLY A 1210 33.79 -8.86 -6.75
CA GLY A 1210 35.22 -8.63 -6.65
C GLY A 1210 35.96 -9.89 -6.25
N PHE A 1211 35.47 -10.57 -5.22
CA PHE A 1211 36.12 -11.77 -4.74
C PHE A 1211 36.52 -12.63 -5.92
N THR A 1212 35.51 -12.91 -6.82
CA THR A 1212 35.85 -13.72 -7.97
C THR A 1212 37.07 -13.12 -8.65
N PHE A 1213 36.99 -11.84 -8.99
CA PHE A 1213 38.10 -11.22 -9.68
C PHE A 1213 39.36 -11.55 -8.93
N PHE A 1214 39.36 -11.34 -7.63
CA PHE A 1214 40.55 -11.60 -6.84
C PHE A 1214 40.97 -13.05 -6.96
N LEU A 1215 40.03 -13.96 -6.75
CA LEU A 1215 40.38 -15.37 -6.78
C LEU A 1215 40.99 -15.73 -8.12
N ASN A 1216 40.32 -15.34 -9.20
CA ASN A 1216 40.82 -15.67 -10.53
C ASN A 1216 42.12 -14.95 -10.79
N LYS A 1217 42.22 -13.71 -10.35
CA LYS A 1217 43.42 -12.92 -10.62
C LYS A 1217 44.66 -13.55 -10.03
N ASN A 1218 44.60 -13.96 -8.77
CA ASN A 1218 45.78 -14.50 -8.12
C ASN A 1218 45.48 -15.78 -7.36
N LYS A 1219 44.97 -16.79 -8.07
CA LYS A 1219 44.66 -18.06 -7.42
C LYS A 1219 45.93 -18.80 -7.09
N SER A 1220 46.92 -18.72 -7.96
CA SER A 1220 48.17 -19.44 -7.73
C SER A 1220 48.78 -19.08 -6.39
N SER A 1221 48.81 -17.80 -6.08
CA SER A 1221 49.34 -17.37 -4.78
C SER A 1221 48.48 -17.90 -3.68
N LEU A 1222 47.16 -17.91 -3.89
CA LEU A 1222 46.24 -18.39 -2.87
C LEU A 1222 46.33 -19.88 -2.65
N ARG A 1223 47.08 -20.59 -3.50
CA ARG A 1223 47.15 -22.04 -3.39
C ARG A 1223 47.49 -22.45 -1.97
N LYS A 1224 48.53 -21.85 -1.39
CA LYS A 1224 48.86 -22.14 -0.01
C LYS A 1224 47.76 -21.57 0.84
N GLU A 1225 47.15 -22.39 1.67
CA GLU A 1225 46.03 -21.92 2.49
C GLU A 1225 46.48 -21.37 3.83
N ASN A 1226 47.09 -20.18 3.81
CA ASN A 1226 47.53 -19.56 5.05
C ASN A 1226 46.65 -18.37 5.36
N PRO A 1227 45.94 -18.44 6.49
CA PRO A 1227 45.01 -17.36 6.84
C PRO A 1227 45.67 -16.00 6.70
N GLN A 1228 46.80 -15.81 7.38
CA GLN A 1228 47.48 -14.53 7.31
C GLN A 1228 47.85 -14.21 5.88
N GLU A 1229 48.30 -15.21 5.14
CA GLU A 1229 48.67 -15.00 3.76
C GLU A 1229 47.48 -14.48 2.98
N PHE A 1230 46.35 -15.14 3.15
CA PHE A 1230 45.15 -14.72 2.45
C PHE A 1230 44.89 -13.26 2.73
N TYR A 1231 44.85 -12.90 4.01
CA TYR A 1231 44.56 -11.53 4.37
C TYR A 1231 45.47 -10.59 3.64
N GLU A 1232 46.77 -10.83 3.72
CA GLU A 1232 47.72 -9.92 3.11
C GLU A 1232 47.53 -9.84 1.60
N ILE A 1233 47.39 -11.00 0.95
CA ILE A 1233 47.26 -10.99 -0.50
C ILE A 1233 46.03 -10.21 -0.93
N PHE A 1234 44.89 -10.51 -0.32
CA PHE A 1234 43.65 -9.84 -0.71
C PHE A 1234 43.79 -8.36 -0.43
N ALA A 1235 44.33 -8.02 0.73
CA ALA A 1235 44.43 -6.62 1.10
C ALA A 1235 45.24 -5.86 0.06
N ASN A 1236 46.38 -6.42 -0.31
CA ASN A 1236 47.23 -5.75 -1.27
C ASN A 1236 46.53 -5.65 -2.61
N TRP A 1237 45.79 -6.70 -2.98
CA TRP A 1237 45.08 -6.70 -4.23
C TRP A 1237 44.11 -5.54 -4.26
N LEU A 1238 43.35 -5.38 -3.18
CA LEU A 1238 42.38 -4.29 -3.11
C LEU A 1238 43.11 -2.97 -3.17
N LYS A 1239 44.25 -2.90 -2.50
CA LYS A 1239 45.02 -1.65 -2.45
C LYS A 1239 45.62 -1.24 -3.78
N LYS A 1240 46.09 -2.21 -4.56
CA LYS A 1240 46.79 -1.86 -5.80
C LYS A 1240 46.03 -2.14 -7.09
N ASP A 1241 45.67 -3.39 -7.33
CA ASP A 1241 45.01 -3.75 -8.59
C ASP A 1241 43.93 -2.73 -8.94
N PHE A 1242 43.91 -2.31 -10.20
CA PHE A 1242 42.91 -1.36 -10.62
C PHE A 1242 41.52 -1.90 -10.32
N VAL A 1243 41.25 -3.10 -10.79
CA VAL A 1243 39.96 -3.72 -10.52
C VAL A 1243 39.79 -3.83 -9.02
N GLY A 1244 40.86 -4.20 -8.33
CA GLY A 1244 40.77 -4.35 -6.90
C GLY A 1244 40.35 -3.06 -6.25
N ASN A 1245 40.98 -1.96 -6.67
CA ASN A 1245 40.66 -0.68 -6.08
C ASN A 1245 39.19 -0.39 -6.26
N LEU A 1246 38.65 -0.78 -7.41
CA LEU A 1246 37.24 -0.54 -7.68
C LEU A 1246 36.35 -1.26 -6.68
N PHE A 1247 36.83 -2.37 -6.14
CA PHE A 1247 36.02 -3.15 -5.20
C PHE A 1247 36.47 -2.91 -3.76
N LYS A 1248 37.17 -1.81 -3.51
CA LYS A 1248 37.70 -1.56 -2.18
C LYS A 1248 36.65 -1.46 -1.09
N ASN A 1249 35.42 -1.13 -1.46
CA ASN A 1249 34.39 -0.92 -0.43
C ASN A 1249 33.41 -2.08 -0.34
N ASP A 1250 33.82 -3.25 -0.82
CA ASP A 1250 32.95 -4.40 -0.77
C ASP A 1250 33.50 -5.47 0.15
N PHE A 1251 34.64 -5.20 0.77
CA PHE A 1251 35.24 -6.18 1.66
C PHE A 1251 35.76 -5.50 2.93
N VAL A 1252 35.46 -6.06 4.09
CA VAL A 1252 35.99 -5.50 5.33
C VAL A 1252 36.65 -6.57 6.17
N PHE A 1253 37.87 -6.31 6.63
CA PHE A 1253 38.59 -7.30 7.41
C PHE A 1253 38.84 -6.80 8.81
N LEU A 1254 38.58 -7.64 9.81
CA LEU A 1254 38.87 -7.25 11.18
C LEU A 1254 39.96 -8.16 11.71
N ASN A 1255 41.03 -7.56 12.23
CA ASN A 1255 42.11 -8.35 12.81
C ASN A 1255 42.58 -9.44 11.86
N GLY A 1256 42.65 -9.12 10.58
CA GLY A 1256 43.16 -10.07 9.61
C GLY A 1256 42.18 -11.09 9.07
N LYS A 1257 40.89 -10.90 9.35
CA LYS A 1257 39.90 -11.87 8.92
C LYS A 1257 38.73 -11.18 8.21
N LEU A 1258 38.25 -11.77 7.13
CA LEU A 1258 37.17 -11.14 6.36
C LEU A 1258 35.86 -11.27 7.10
N VAL A 1259 35.60 -10.36 8.02
CA VAL A 1259 34.38 -10.42 8.80
C VAL A 1259 33.14 -10.23 7.94
N ALA A 1260 33.20 -9.32 6.98
CA ALA A 1260 32.05 -9.07 6.13
C ALA A 1260 32.45 -8.67 4.73
N TRP A 1261 31.62 -9.03 3.74
CA TRP A 1261 31.91 -8.65 2.37
C TRP A 1261 30.64 -8.67 1.56
N ARG A 1262 30.72 -8.27 0.30
CA ARG A 1262 29.51 -8.18 -0.52
C ARG A 1262 29.76 -8.19 -2.00
N PHE A 1263 28.73 -8.48 -2.77
CA PHE A 1263 28.84 -8.43 -4.23
C PHE A 1263 27.48 -8.09 -4.77
N HIS A 1264 27.42 -7.54 -5.97
CA HIS A 1264 26.14 -7.10 -6.51
C HIS A 1264 25.86 -7.70 -7.87
N TYR A 1265 24.59 -7.81 -8.24
CA TYR A 1265 24.24 -8.31 -9.56
C TYR A 1265 22.92 -7.72 -10.03
N PHE A 1266 22.81 -7.47 -11.32
CA PHE A 1266 21.59 -6.89 -11.89
C PHE A 1266 20.60 -7.95 -12.32
N GLN A 1267 19.36 -7.84 -11.86
CA GLN A 1267 18.34 -8.78 -12.27
C GLN A 1267 17.39 -8.11 -13.23
N LYS A 1268 17.20 -8.71 -14.41
CA LYS A 1268 16.33 -8.10 -15.42
C LYS A 1268 14.99 -7.70 -14.82
N ASN A 1269 14.45 -6.57 -15.27
CA ASN A 1269 13.18 -6.09 -14.74
C ASN A 1269 11.99 -6.92 -15.17
N VAL A 1270 11.16 -7.33 -14.22
CA VAL A 1270 9.97 -8.10 -14.56
C VAL A 1270 8.77 -7.59 -13.77
N ASP A 1271 7.61 -7.54 -14.41
CA ASP A 1271 6.41 -7.01 -13.74
C ASP A 1271 5.83 -7.95 -12.69
N ASP A 1272 5.67 -9.22 -13.04
CA ASP A 1272 5.06 -10.15 -12.10
C ASP A 1272 5.82 -10.21 -10.80
N SER A 1273 5.12 -9.99 -9.69
CA SER A 1273 5.76 -10.08 -8.40
C SER A 1273 6.17 -11.50 -8.12
N GLU A 1274 5.34 -12.45 -8.53
CA GLU A 1274 5.62 -13.85 -8.26
C GLU A 1274 6.93 -14.29 -8.88
N ILE A 1275 7.10 -14.06 -10.17
CA ILE A 1275 8.31 -14.50 -10.83
C ILE A 1275 9.50 -13.76 -10.24
N SER A 1276 9.29 -12.52 -9.84
CA SER A 1276 10.36 -11.74 -9.26
C SER A 1276 10.87 -12.45 -8.02
N SER A 1277 9.96 -12.77 -7.12
CA SER A 1277 10.34 -13.48 -5.90
C SER A 1277 10.98 -14.78 -6.28
N LYS A 1278 10.43 -15.45 -7.28
CA LYS A 1278 11.00 -16.71 -7.72
C LYS A 1278 12.47 -16.52 -8.00
N TRP A 1279 12.80 -15.51 -8.79
CA TRP A 1279 14.19 -15.28 -9.13
C TRP A 1279 15.03 -15.05 -7.89
N LEU A 1280 14.57 -14.18 -7.01
CA LEU A 1280 15.34 -13.85 -5.82
C LEU A 1280 15.57 -15.09 -4.98
N LYS A 1281 14.53 -15.89 -4.80
CA LYS A 1281 14.65 -17.07 -3.95
C LYS A 1281 15.73 -17.97 -4.51
N ALA A 1282 15.76 -18.11 -5.84
CA ALA A 1282 16.77 -18.93 -6.46
C ALA A 1282 18.14 -18.37 -6.11
N CYS A 1283 18.28 -17.07 -6.20
CA CYS A 1283 19.55 -16.43 -5.89
C CYS A 1283 20.02 -16.83 -4.51
N LYS A 1284 19.09 -16.86 -3.56
CA LYS A 1284 19.44 -17.18 -2.20
C LYS A 1284 20.07 -18.56 -2.14
N GLN A 1285 19.49 -19.50 -2.89
CA GLN A 1285 20.02 -20.85 -2.91
C GLN A 1285 21.44 -20.87 -3.40
N ILE A 1286 21.68 -20.20 -4.52
CA ILE A 1286 23.01 -20.16 -5.10
C ILE A 1286 23.99 -19.62 -4.08
N THR A 1287 23.53 -18.67 -3.26
CA THR A 1287 24.41 -18.06 -2.27
C THR A 1287 24.31 -18.75 -0.92
N LYS A 1288 24.68 -20.04 -0.87
CA LYS A 1288 24.63 -20.77 0.38
C LYS A 1288 25.66 -21.90 0.40
N LEU A 1289 26.91 -21.58 0.65
CA LEU A 1289 27.95 -22.59 0.67
C LEU A 1289 27.76 -23.42 1.92
N GLU A 1290 26.75 -24.27 1.91
CA GLU A 1290 26.46 -25.08 3.09
C GLU A 1290 27.66 -25.91 3.51
N ASN A 1291 28.39 -26.44 2.55
CA ASN A 1291 29.53 -27.28 2.86
C ASN A 1291 30.47 -26.53 3.77
N HIS A 1292 30.67 -25.24 3.48
CA HIS A 1292 31.61 -24.46 4.27
C HIS A 1292 30.89 -23.53 5.25
N ASN A 1293 29.63 -23.83 5.53
CA ASN A 1293 28.86 -22.99 6.45
C ASN A 1293 28.93 -21.53 6.06
N VAL A 1294 28.54 -21.22 4.83
CA VAL A 1294 28.52 -19.85 4.37
C VAL A 1294 27.19 -19.55 3.75
N GLN A 1295 26.42 -18.65 4.36
CA GLN A 1295 25.14 -18.27 3.80
C GLN A 1295 25.10 -16.76 3.66
N MET A 1296 24.85 -16.28 2.45
CA MET A 1296 24.86 -14.84 2.24
C MET A 1296 23.45 -14.32 2.07
N VAL A 1297 23.23 -13.05 2.41
CA VAL A 1297 21.89 -12.49 2.33
C VAL A 1297 21.68 -11.67 1.08
N CYS A 1298 20.71 -12.05 0.26
CA CYS A 1298 20.40 -11.29 -0.94
C CYS A 1298 19.43 -10.20 -0.55
N PHE A 1299 19.71 -8.96 -0.91
CA PHE A 1299 18.84 -7.87 -0.47
C PHE A 1299 18.40 -6.93 -1.56
N HIS A 1300 17.14 -6.48 -1.48
CA HIS A 1300 16.63 -5.52 -2.44
C HIS A 1300 15.45 -4.85 -1.79
N LEU A 1301 15.17 -3.61 -2.16
CA LEU A 1301 14.11 -2.88 -1.48
C LEU A 1301 12.79 -3.61 -1.59
N SER A 1302 12.47 -4.09 -2.78
CA SER A 1302 11.20 -4.76 -2.99
C SER A 1302 11.05 -6.00 -2.13
N SER A 1303 12.15 -6.47 -1.57
CA SER A 1303 12.09 -7.72 -0.82
C SER A 1303 11.05 -7.69 0.27
N ILE A 1304 11.06 -6.65 1.11
CA ILE A 1304 10.14 -6.62 2.23
C ILE A 1304 8.69 -6.67 1.77
N PHE A 1305 8.35 -5.84 0.79
CA PHE A 1305 6.98 -5.80 0.30
C PHE A 1305 6.58 -7.15 -0.26
N ASN A 1306 7.44 -7.72 -1.11
CA ASN A 1306 7.13 -9.00 -1.71
C ASN A 1306 7.02 -10.08 -0.65
N GLU A 1307 7.77 -9.94 0.43
CA GLU A 1307 7.76 -10.95 1.47
C GLU A 1307 6.36 -11.16 1.99
N THR A 1308 5.61 -10.07 2.11
CA THR A 1308 4.25 -10.15 2.60
C THR A 1308 3.40 -11.08 1.74
N ASP A 1309 3.69 -11.11 0.44
CA ASP A 1309 2.88 -11.91 -0.47
C ASP A 1309 2.83 -13.36 -0.06
N GLU A 1310 3.92 -13.87 0.49
CA GLU A 1310 3.98 -15.29 0.82
C GLU A 1310 2.89 -15.69 1.80
N SER A 1311 2.67 -14.90 2.84
CA SER A 1311 1.70 -15.29 3.87
C SER A 1311 0.29 -14.77 3.59
N ILE A 1312 0.12 -13.99 2.54
CA ILE A 1312 -1.17 -13.39 2.28
C ILE A 1312 -2.25 -14.46 2.11
N ILE A 1313 -1.87 -15.60 1.54
CA ILE A 1313 -2.86 -16.65 1.29
C ILE A 1313 -3.47 -17.17 2.58
N GLU A 1314 -2.65 -17.40 3.59
CA GLU A 1314 -3.14 -17.97 4.83
C GLU A 1314 -3.83 -16.93 5.69
N VAL A 1315 -3.14 -15.83 5.98
CA VAL A 1315 -3.70 -14.82 6.86
C VAL A 1315 -5.14 -14.53 6.44
N THR A 1316 -5.38 -14.43 5.14
CA THR A 1316 -6.72 -14.14 4.67
C THR A 1316 -7.68 -15.20 5.15
N LEU A 1317 -7.32 -16.46 4.94
CA LEU A 1317 -8.21 -17.54 5.33
C LEU A 1317 -8.53 -17.40 6.80
N ILE A 1318 -7.51 -17.15 7.61
CA ILE A 1318 -7.72 -17.02 9.04
C ILE A 1318 -8.68 -15.88 9.33
N ASN A 1319 -8.40 -14.71 8.76
CA ASN A 1319 -9.25 -13.56 9.00
C ASN A 1319 -10.67 -13.83 8.53
N LEU A 1320 -10.79 -14.31 7.31
CA LEU A 1320 -12.12 -14.57 6.77
C LEU A 1320 -12.86 -15.52 7.67
N GLY A 1321 -12.16 -16.56 8.12
CA GLY A 1321 -12.80 -17.54 8.96
C GLY A 1321 -13.33 -16.90 10.21
N ILE A 1322 -12.51 -16.08 10.87
CA ILE A 1322 -12.94 -15.42 12.08
C ILE A 1322 -14.14 -14.57 11.77
N THR A 1323 -14.06 -13.78 10.71
CA THR A 1323 -15.16 -12.91 10.34
C THR A 1323 -16.42 -13.74 10.14
N ILE A 1324 -16.40 -14.64 9.16
CA ILE A 1324 -17.57 -15.45 8.89
C ILE A 1324 -18.19 -15.90 10.17
N LEU A 1325 -17.41 -16.56 11.01
CA LEU A 1325 -17.94 -17.07 12.27
C LEU A 1325 -18.60 -15.98 13.05
N THR A 1326 -17.84 -14.96 13.42
CA THR A 1326 -18.40 -13.91 14.26
C THR A 1326 -19.71 -13.42 13.68
N ILE A 1327 -19.70 -13.12 12.38
CA ILE A 1327 -20.90 -12.60 11.75
C ILE A 1327 -22.02 -13.61 11.82
N LEU A 1328 -21.73 -14.86 11.49
CA LEU A 1328 -22.75 -15.89 11.51
C LEU A 1328 -23.36 -15.99 12.90
N VAL A 1329 -22.52 -15.96 13.92
CA VAL A 1329 -23.04 -16.05 15.27
C VAL A 1329 -24.02 -14.93 15.53
N VAL A 1330 -23.65 -13.71 15.15
CA VAL A 1330 -24.53 -12.57 15.38
C VAL A 1330 -25.85 -12.76 14.67
N THR A 1331 -25.78 -13.16 13.41
CA THR A 1331 -27.00 -13.34 12.64
C THR A 1331 -27.84 -14.43 13.28
N ALA A 1332 -27.19 -15.49 13.74
CA ALA A 1332 -27.92 -16.58 14.34
C ALA A 1332 -28.80 -16.08 15.45
N TYR A 1333 -28.31 -15.12 16.22
CA TYR A 1333 -29.08 -14.60 17.35
C TYR A 1333 -30.26 -13.75 16.89
N ILE A 1334 -30.27 -13.38 15.61
CA ILE A 1334 -31.37 -12.55 15.10
C ILE A 1334 -32.16 -13.27 14.02
N ILE A 1335 -31.61 -14.33 13.45
CA ILE A 1335 -32.35 -15.11 12.48
C ILE A 1335 -33.15 -16.14 13.26
N LYS A 1336 -34.47 -16.11 13.14
CA LYS A 1336 -35.30 -17.00 13.95
C LYS A 1336 -35.05 -18.50 13.77
N GLY A 1337 -35.10 -18.99 12.54
CA GLY A 1337 -34.92 -20.42 12.34
C GLY A 1337 -33.45 -20.79 12.26
N PHE A 1338 -33.09 -21.95 12.78
CA PHE A 1338 -31.72 -22.41 12.67
C PHE A 1338 -31.41 -22.82 11.25
N TYR A 1339 -32.34 -23.53 10.63
CA TYR A 1339 -32.12 -24.00 9.27
C TYR A 1339 -31.92 -22.81 8.35
N SER A 1340 -32.65 -21.74 8.58
CA SER A 1340 -32.48 -20.55 7.77
C SER A 1340 -31.06 -20.04 7.93
N CYS A 1341 -30.54 -20.11 9.14
CA CYS A 1341 -29.17 -19.67 9.37
C CYS A 1341 -28.22 -20.47 8.49
N VAL A 1342 -28.43 -21.78 8.43
CA VAL A 1342 -27.54 -22.62 7.64
C VAL A 1342 -27.64 -22.23 6.17
N ILE A 1343 -28.84 -21.89 5.73
CA ILE A 1343 -29.02 -21.48 4.34
C ILE A 1343 -28.19 -20.24 4.10
N ILE A 1344 -28.30 -19.27 4.98
CA ILE A 1344 -27.53 -18.05 4.84
C ILE A 1344 -26.07 -18.38 4.66
N ALA A 1345 -25.51 -19.15 5.59
CA ALA A 1345 -24.09 -19.45 5.54
C ALA A 1345 -23.73 -19.98 4.16
N LEU A 1346 -24.52 -20.92 3.68
CA LEU A 1346 -24.22 -21.50 2.38
C LEU A 1346 -24.16 -20.40 1.34
N ILE A 1347 -25.14 -19.51 1.36
CA ILE A 1347 -25.17 -18.44 0.39
C ILE A 1347 -23.92 -17.60 0.52
N ILE A 1348 -23.57 -17.22 1.74
CA ILE A 1348 -22.39 -16.39 1.94
C ILE A 1348 -21.16 -17.04 1.33
N PHE A 1349 -20.91 -18.29 1.71
CA PHE A 1349 -19.72 -18.96 1.22
C PHE A 1349 -19.74 -19.02 -0.30
N LEU A 1350 -20.87 -19.38 -0.87
CA LEU A 1350 -20.96 -19.50 -2.32
C LEU A 1350 -20.60 -18.18 -2.97
N ILE A 1351 -21.14 -17.10 -2.44
CA ILE A 1351 -20.82 -15.78 -2.98
C ILE A 1351 -19.33 -15.57 -2.90
N ASP A 1352 -18.74 -15.81 -1.73
CA ASP A 1352 -17.32 -15.56 -1.57
C ASP A 1352 -16.51 -16.32 -2.60
N LEU A 1353 -16.87 -17.57 -2.84
CA LEU A 1353 -16.18 -18.34 -3.86
C LEU A 1353 -16.31 -17.58 -5.16
N CYS A 1354 -17.52 -17.14 -5.47
CA CYS A 1354 -17.74 -16.45 -6.73
C CYS A 1354 -16.93 -15.16 -6.84
N ILE A 1355 -16.90 -14.38 -5.76
CA ILE A 1355 -16.21 -13.10 -5.83
C ILE A 1355 -14.70 -13.33 -5.94
N PHE A 1356 -14.19 -14.35 -5.26
CA PHE A 1356 -12.78 -14.64 -5.35
C PHE A 1356 -12.45 -15.26 -6.70
N GLY A 1357 -13.26 -16.21 -7.11
CA GLY A 1357 -12.99 -16.88 -8.37
C GLY A 1357 -12.95 -15.88 -9.50
N PHE A 1358 -13.92 -14.98 -9.52
CA PHE A 1358 -14.01 -14.03 -10.62
C PHE A 1358 -12.96 -12.94 -10.51
N MET A 1359 -12.50 -12.62 -9.31
CA MET A 1359 -11.44 -11.64 -9.20
C MET A 1359 -10.21 -12.22 -9.85
N CYS A 1360 -9.96 -13.50 -9.60
CA CYS A 1360 -8.82 -14.15 -10.23
C CYS A 1360 -9.06 -14.21 -11.72
N LEU A 1361 -10.29 -14.50 -12.10
CA LEU A 1361 -10.63 -14.60 -13.52
C LEU A 1361 -10.49 -13.25 -14.21
N CYS A 1362 -10.72 -12.17 -13.47
CA CYS A 1362 -10.61 -10.83 -14.03
C CYS A 1362 -9.18 -10.35 -13.97
N GLY A 1363 -8.31 -11.14 -13.35
CA GLY A 1363 -6.90 -10.77 -13.28
C GLY A 1363 -6.55 -9.96 -12.06
N ILE A 1364 -7.52 -9.74 -11.18
CA ILE A 1364 -7.26 -9.00 -9.96
C ILE A 1364 -6.36 -9.83 -9.07
N THR A 1365 -5.10 -9.42 -8.95
CA THR A 1365 -4.17 -10.17 -8.12
C THR A 1365 -4.64 -10.15 -6.68
N MET A 1366 -4.34 -11.21 -5.95
CA MET A 1366 -4.77 -11.26 -4.57
C MET A 1366 -3.80 -10.47 -3.70
N ASN A 1367 -3.80 -9.15 -3.90
CA ASN A 1367 -2.92 -8.30 -3.11
C ASN A 1367 -3.60 -7.90 -1.81
N ILE A 1368 -2.88 -7.17 -0.97
CA ILE A 1368 -3.43 -6.79 0.32
C ILE A 1368 -4.78 -6.11 0.14
N ILE A 1369 -4.85 -5.14 -0.75
CA ILE A 1369 -6.09 -4.42 -0.98
C ILE A 1369 -7.22 -5.37 -1.32
N SER A 1370 -6.98 -6.25 -2.28
CA SER A 1370 -8.04 -7.14 -2.71
C SER A 1370 -8.50 -8.03 -1.58
N MET A 1371 -7.56 -8.61 -0.84
CA MET A 1371 -7.93 -9.54 0.21
C MET A 1371 -8.83 -8.91 1.26
N VAL A 1372 -8.44 -7.76 1.77
CA VAL A 1372 -9.22 -7.14 2.83
C VAL A 1372 -10.65 -6.98 2.36
N ILE A 1373 -10.84 -6.59 1.11
CA ILE A 1373 -12.18 -6.41 0.57
C ILE A 1373 -12.93 -7.73 0.61
N LEU A 1374 -12.26 -8.82 0.27
CA LEU A 1374 -12.89 -10.13 0.29
C LEU A 1374 -13.35 -10.47 1.70
N VAL A 1375 -12.45 -10.33 2.66
CA VAL A 1375 -12.80 -10.62 4.03
C VAL A 1375 -13.94 -9.72 4.45
N LEU A 1376 -13.85 -8.45 4.11
CA LEU A 1376 -14.90 -7.50 4.48
C LEU A 1376 -16.19 -7.78 3.74
N SER A 1377 -16.11 -8.50 2.63
CA SER A 1377 -17.29 -8.75 1.82
C SER A 1377 -18.36 -9.43 2.64
N VAL A 1378 -17.95 -10.28 3.58
CA VAL A 1378 -18.91 -11.01 4.39
C VAL A 1378 -19.96 -10.06 4.92
N GLY A 1379 -19.54 -8.91 5.43
CA GLY A 1379 -20.50 -7.99 6.01
C GLY A 1379 -21.58 -7.58 5.04
N PHE A 1380 -21.18 -7.12 3.86
CA PHE A 1380 -22.15 -6.68 2.89
C PHE A 1380 -23.05 -7.82 2.48
N SER A 1381 -22.47 -8.97 2.19
CA SER A 1381 -23.26 -10.10 1.73
C SER A 1381 -24.27 -10.53 2.78
N ILE A 1382 -23.84 -10.62 4.03
CA ILE A 1382 -24.74 -11.09 5.07
C ILE A 1382 -25.96 -10.21 5.15
N ASP A 1383 -25.80 -8.92 4.93
CA ASP A 1383 -26.92 -8.00 5.07
C ASP A 1383 -28.02 -8.34 4.08
N HIS A 1384 -27.70 -8.36 2.80
CA HIS A 1384 -28.72 -8.61 1.81
C HIS A 1384 -29.34 -9.98 2.01
N THR A 1385 -28.50 -10.99 2.12
CA THR A 1385 -28.99 -12.35 2.31
C THR A 1385 -29.91 -12.41 3.50
N SER A 1386 -29.45 -11.89 4.63
CA SER A 1386 -30.25 -11.98 5.84
C SER A 1386 -31.63 -11.38 5.67
N HIS A 1387 -31.72 -10.22 5.05
CA HIS A 1387 -33.01 -9.56 4.93
C HIS A 1387 -34.01 -10.51 4.29
N ILE A 1388 -33.65 -11.05 3.14
CA ILE A 1388 -34.57 -11.93 2.43
C ILE A 1388 -34.89 -13.14 3.30
N VAL A 1389 -33.84 -13.74 3.87
CA VAL A 1389 -34.05 -14.93 4.67
C VAL A 1389 -34.98 -14.65 5.84
N GLN A 1390 -34.71 -13.59 6.59
CA GLN A 1390 -35.52 -13.29 7.76
C GLN A 1390 -36.95 -13.08 7.34
N ALA A 1391 -37.16 -12.37 6.25
CA ALA A 1391 -38.51 -12.15 5.76
C ALA A 1391 -39.19 -13.46 5.42
N PHE A 1392 -38.54 -14.28 4.60
CA PHE A 1392 -39.14 -15.55 4.20
C PHE A 1392 -39.61 -16.29 5.42
N SER A 1393 -38.80 -16.26 6.47
CA SER A 1393 -39.15 -16.98 7.67
C SER A 1393 -40.34 -16.32 8.34
N HIS A 1394 -40.30 -15.00 8.48
CA HIS A 1394 -41.38 -14.30 9.16
C HIS A 1394 -42.65 -14.24 8.32
N SER A 1395 -42.59 -14.76 7.11
CA SER A 1395 -43.77 -14.77 6.25
C SER A 1395 -44.84 -15.67 6.82
N MET A 1396 -46.08 -15.39 6.48
CA MET A 1396 -47.18 -16.22 6.96
C MET A 1396 -47.68 -17.12 5.85
N GLY A 1397 -46.96 -17.14 4.73
CA GLY A 1397 -47.38 -17.95 3.60
C GLY A 1397 -47.49 -19.42 3.90
N ARG A 1398 -48.56 -20.05 3.43
CA ARG A 1398 -48.76 -21.46 3.67
C ARG A 1398 -47.79 -22.29 2.86
N THR A 1399 -47.68 -22.01 1.58
CA THR A 1399 -46.78 -22.78 0.71
C THR A 1399 -45.45 -22.08 0.63
N ARG A 1400 -44.39 -22.86 0.44
CA ARG A 1400 -43.06 -22.27 0.41
C ARG A 1400 -43.04 -21.11 -0.54
N ASP A 1401 -43.58 -21.31 -1.73
CA ASP A 1401 -43.59 -20.25 -2.72
C ASP A 1401 -44.26 -19.01 -2.15
N GLU A 1402 -45.41 -19.19 -1.53
CA GLU A 1402 -46.12 -18.06 -0.95
C GLU A 1402 -45.16 -17.26 -0.11
N LYS A 1403 -44.43 -17.94 0.76
CA LYS A 1403 -43.51 -17.23 1.62
C LYS A 1403 -42.54 -16.44 0.77
N MET A 1404 -41.98 -17.07 -0.24
CA MET A 1404 -41.02 -16.40 -1.10
C MET A 1404 -41.61 -15.12 -1.63
N LYS A 1405 -42.80 -15.19 -2.22
CA LYS A 1405 -43.37 -14.01 -2.84
C LYS A 1405 -43.50 -12.90 -1.79
N GLU A 1406 -43.99 -13.26 -0.61
CA GLU A 1406 -44.19 -12.26 0.41
C GLU A 1406 -42.85 -11.64 0.78
N SER A 1407 -41.85 -12.47 1.01
CA SER A 1407 -40.55 -11.96 1.42
C SER A 1407 -40.00 -11.01 0.38
N LEU A 1408 -40.05 -11.42 -0.87
CA LEU A 1408 -39.52 -10.58 -1.93
C LEU A 1408 -40.30 -9.29 -2.00
N HIS A 1409 -41.62 -9.39 -1.99
CA HIS A 1409 -42.44 -8.20 -2.12
C HIS A 1409 -42.13 -7.21 -1.02
N LEU A 1410 -41.63 -7.69 0.11
CA LEU A 1410 -41.39 -6.81 1.25
C LEU A 1410 -39.95 -6.36 1.41
N MET A 1411 -38.99 -7.11 0.91
CA MET A 1411 -37.59 -6.75 1.13
C MET A 1411 -36.75 -6.60 -0.12
N ILE A 1412 -37.27 -7.00 -1.27
CA ILE A 1412 -36.48 -6.94 -2.49
C ILE A 1412 -36.05 -5.51 -2.76
N GLY A 1413 -36.96 -4.57 -2.55
CA GLY A 1413 -36.66 -3.17 -2.80
C GLY A 1413 -35.46 -2.72 -1.99
N PRO A 1414 -35.55 -2.85 -0.66
CA PRO A 1414 -34.44 -2.38 0.18
C PRO A 1414 -33.15 -3.03 -0.24
N VAL A 1415 -33.17 -4.34 -0.49
CA VAL A 1415 -31.95 -5.04 -0.85
C VAL A 1415 -31.35 -4.42 -2.10
N LEU A 1416 -32.14 -4.30 -3.14
CA LEU A 1416 -31.65 -3.74 -4.39
C LEU A 1416 -31.11 -2.35 -4.17
N HIS A 1417 -31.91 -1.50 -3.54
CA HIS A 1417 -31.49 -0.12 -3.34
C HIS A 1417 -30.16 -0.07 -2.61
N SER A 1418 -30.03 -0.86 -1.56
CA SER A 1418 -28.80 -0.81 -0.77
C SER A 1418 -27.60 -1.07 -1.64
N GLY A 1419 -27.59 -2.21 -2.31
CA GLY A 1419 -26.46 -2.54 -3.16
C GLY A 1419 -26.20 -1.52 -4.23
N LEU A 1420 -27.21 -1.19 -5.01
CA LEU A 1420 -27.03 -0.26 -6.10
C LEU A 1420 -26.46 1.05 -5.60
N SER A 1421 -27.02 1.58 -4.53
CA SER A 1421 -26.58 2.86 -4.02
C SER A 1421 -25.09 2.82 -3.76
N THR A 1422 -24.65 1.76 -3.09
CA THR A 1422 -23.24 1.67 -2.75
C THR A 1422 -22.39 1.68 -4.00
N TRP A 1423 -22.76 0.89 -4.99
CA TRP A 1423 -21.96 0.82 -6.19
C TRP A 1423 -21.88 2.17 -6.87
N PHE A 1424 -22.98 2.91 -6.88
CA PHE A 1424 -22.98 4.18 -7.56
C PHE A 1424 -21.90 5.09 -7.00
N VAL A 1425 -21.85 5.21 -5.68
CA VAL A 1425 -20.87 6.07 -5.07
C VAL A 1425 -19.47 5.59 -5.39
N ILE A 1426 -19.24 4.29 -5.28
CA ILE A 1426 -17.91 3.75 -5.52
C ILE A 1426 -17.58 3.67 -6.99
N SER A 1427 -18.55 3.92 -7.85
CA SER A 1427 -18.31 3.79 -9.28
C SER A 1427 -17.24 4.75 -9.73
N THR A 1428 -17.30 5.98 -9.27
CA THR A 1428 -16.35 6.99 -9.72
C THR A 1428 -14.92 6.57 -9.46
N LEU A 1429 -14.71 5.79 -8.40
CA LEU A 1429 -13.35 5.38 -8.06
C LEU A 1429 -12.71 4.65 -9.23
N PHE A 1430 -13.52 4.13 -10.14
CA PHE A 1430 -12.98 3.45 -11.30
C PHE A 1430 -12.04 4.32 -12.08
N PHE A 1431 -12.30 5.62 -12.08
CA PHE A 1431 -11.47 6.54 -12.85
C PHE A 1431 -10.32 7.09 -12.03
N SER A 1432 -10.03 6.47 -10.90
CA SER A 1432 -8.95 6.95 -10.04
C SER A 1432 -7.59 6.58 -10.59
N ASN A 1433 -6.66 7.52 -10.52
CA ASN A 1433 -5.30 7.26 -11.00
C ASN A 1433 -4.61 6.21 -10.14
N LYS A 1434 -4.80 6.30 -8.83
CA LYS A 1434 -4.14 5.37 -7.92
C LYS A 1434 -4.55 3.94 -8.17
N ASP A 1435 -3.57 3.06 -8.35
CA ASP A 1435 -3.88 1.66 -8.66
C ASP A 1435 -4.65 0.99 -7.54
N PHE A 1436 -4.24 1.21 -6.31
CA PHE A 1436 -4.90 0.54 -5.19
C PHE A 1436 -6.38 0.90 -5.18
N THR A 1437 -6.68 2.16 -5.50
CA THR A 1437 -8.07 2.58 -5.52
C THR A 1437 -8.87 1.79 -6.53
N VAL A 1438 -8.35 1.68 -7.76
CA VAL A 1438 -9.11 1.00 -8.79
C VAL A 1438 -9.32 -0.45 -8.41
N ILE A 1439 -8.32 -1.05 -7.75
CA ILE A 1439 -8.47 -2.42 -7.30
C ILE A 1439 -9.61 -2.48 -6.33
N PHE A 1440 -9.68 -1.51 -5.42
CA PHE A 1440 -10.75 -1.45 -4.46
C PHE A 1440 -12.07 -1.44 -5.19
N PHE A 1441 -12.19 -0.57 -6.18
CA PHE A 1441 -13.43 -0.46 -6.92
C PHE A 1441 -13.78 -1.78 -7.59
N GLN A 1442 -12.82 -2.36 -8.28
CA GLN A 1442 -13.11 -3.58 -9.01
C GLN A 1442 -13.55 -4.67 -8.06
N THR A 1443 -12.81 -4.86 -6.98
CA THR A 1443 -13.12 -5.93 -6.07
C THR A 1443 -14.49 -5.72 -5.43
N LEU A 1444 -14.74 -4.50 -4.97
CA LEU A 1444 -16.01 -4.23 -4.29
C LEU A 1444 -17.16 -4.37 -5.27
N SER A 1445 -16.95 -3.95 -6.51
CA SER A 1445 -18.00 -4.05 -7.50
C SER A 1445 -18.38 -5.51 -7.68
N LEU A 1446 -17.39 -6.38 -7.70
CA LEU A 1446 -17.68 -7.81 -7.80
C LEU A 1446 -18.47 -8.24 -6.58
N VAL A 1447 -17.99 -7.88 -5.41
CA VAL A 1447 -18.69 -8.23 -4.19
C VAL A 1447 -20.14 -7.84 -4.28
N LEU A 1448 -20.40 -6.56 -4.51
CA LEU A 1448 -21.77 -6.09 -4.53
C LEU A 1448 -22.58 -6.87 -5.54
N PHE A 1449 -22.01 -7.07 -6.72
CA PHE A 1449 -22.72 -7.78 -7.76
C PHE A 1449 -23.22 -9.11 -7.26
N PHE A 1450 -22.29 -10.01 -6.94
CA PHE A 1450 -22.69 -11.34 -6.52
C PHE A 1450 -23.63 -11.28 -5.33
N SER A 1451 -23.33 -10.40 -4.38
CA SER A 1451 -24.18 -10.28 -3.21
C SER A 1451 -25.61 -10.06 -3.64
N ILE A 1452 -25.87 -8.94 -4.31
CA ILE A 1452 -27.21 -8.64 -4.75
C ILE A 1452 -27.75 -9.76 -5.61
N THR A 1453 -26.95 -10.22 -6.56
CA THR A 1453 -27.41 -11.24 -7.47
C THR A 1453 -27.93 -12.45 -6.73
N PHE A 1454 -27.09 -13.05 -5.90
CA PHE A 1454 -27.50 -14.24 -5.17
C PHE A 1454 -28.65 -13.92 -4.24
N SER A 1455 -28.55 -12.81 -3.51
CA SER A 1455 -29.59 -12.46 -2.54
C SER A 1455 -30.93 -12.25 -3.22
N SER A 1456 -30.92 -11.70 -4.42
CA SER A 1456 -32.18 -11.40 -5.10
C SER A 1456 -32.66 -12.52 -6.01
N MET A 1457 -31.77 -13.39 -6.44
CA MET A 1457 -32.16 -14.45 -7.36
C MET A 1457 -31.95 -15.84 -6.79
N PHE A 1458 -30.70 -16.25 -6.64
CA PHE A 1458 -30.45 -17.61 -6.19
C PHE A 1458 -31.09 -17.89 -4.85
N LEU A 1459 -30.91 -16.99 -3.89
CA LEU A 1459 -31.46 -17.23 -2.57
C LEU A 1459 -32.96 -17.39 -2.67
N PRO A 1460 -33.65 -16.47 -3.37
CA PRO A 1460 -35.08 -16.71 -3.46
C PRO A 1460 -35.42 -18.09 -3.98
N VAL A 1461 -34.93 -18.46 -5.15
CA VAL A 1461 -35.30 -19.75 -5.74
C VAL A 1461 -34.90 -20.91 -4.84
N LEU A 1462 -33.73 -20.81 -4.24
CA LEU A 1462 -33.29 -21.86 -3.35
C LEU A 1462 -34.29 -22.03 -2.23
N LEU A 1463 -34.68 -20.91 -1.63
CA LEU A 1463 -35.64 -20.96 -0.53
C LEU A 1463 -36.97 -21.48 -1.04
N SER A 1464 -37.39 -21.03 -2.22
CA SER A 1464 -38.68 -21.43 -2.74
C SER A 1464 -38.74 -22.93 -2.91
N SER A 1465 -37.59 -23.55 -3.17
CA SER A 1465 -37.56 -24.99 -3.36
C SER A 1465 -37.27 -25.72 -2.06
N PHE A 1466 -36.27 -25.27 -1.32
CA PHE A 1466 -35.92 -25.93 -0.07
C PHE A 1466 -35.79 -24.90 1.04
N GLY A 1467 -36.90 -24.28 1.40
CA GLY A 1467 -36.87 -23.25 2.41
C GLY A 1467 -37.57 -23.64 3.69
N PRO A 1468 -37.17 -23.05 4.81
CA PRO A 1468 -37.80 -23.38 6.08
C PRO A 1468 -39.29 -23.16 6.02
N LEU A 1469 -40.08 -24.17 6.40
CA LEU A 1469 -41.52 -24.05 6.38
C LEU A 1469 -42.08 -24.32 7.76
N HIS A 1470 -43.14 -23.61 8.13
CA HIS A 1470 -43.72 -23.77 9.45
C HIS A 1470 -42.70 -23.50 10.54
C1 CLR B . 28.86 -2.17 -9.22
C2 CLR B . 27.99 -1.17 -8.45
C3 CLR B . 28.74 -0.63 -7.25
C4 CLR B . 29.96 0.14 -7.73
C5 CLR B . 30.81 -0.79 -8.57
C6 CLR B . 32.11 -0.92 -8.26
C7 CLR B . 33.02 -1.93 -8.92
C8 CLR B . 32.51 -2.21 -10.32
C9 CLR B . 31.05 -2.62 -10.29
C10 CLR B . 30.16 -1.53 -9.71
C11 CLR B . 30.55 -3.05 -11.67
C12 CLR B . 31.45 -4.07 -12.35
C13 CLR B . 32.85 -3.50 -12.38
C14 CLR B . 33.31 -3.31 -10.97
C15 CLR B . 34.80 -3.11 -11.06
C16 CLR B . 35.22 -4.04 -12.20
C17 CLR B . 33.95 -4.37 -12.98
C18 CLR B . 32.82 -2.15 -13.08
C19 CLR B . 29.84 -0.52 -10.81
C20 CLR B . 34.18 -4.18 -14.48
C21 CLR B . 32.99 -4.65 -15.31
C22 CLR B . 35.45 -4.92 -14.88
C23 CLR B . 35.73 -4.76 -16.37
C24 CLR B . 36.86 -5.69 -16.81
C25 CLR B . 38.11 -5.47 -15.97
C26 CLR B . 39.18 -6.49 -16.34
C27 CLR B . 38.65 -4.05 -16.13
O1 CLR B . 27.89 0.24 -6.50
C1 NAG C . 54.91 -7.75 10.88
C2 NAG C . 56.23 -7.84 10.13
C3 NAG C . 57.18 -8.77 10.85
C4 NAG C . 57.34 -8.33 12.29
C5 NAG C . 55.97 -8.24 12.95
C6 NAG C . 56.11 -7.75 14.39
C7 NAG C . 55.69 -7.45 7.80
C8 NAG C . 56.42 -6.13 7.83
N2 NAG C . 56.01 -8.30 8.77
O3 NAG C . 58.46 -8.76 10.19
O4 NAG C . 58.15 -9.26 13.00
O5 NAG C . 55.15 -7.33 12.23
O6 NAG C . 56.60 -6.40 14.38
O7 NAG C . 54.87 -7.72 6.94
C1 NAG D . 29.58 -4.74 28.73
C2 NAG D . 29.36 -4.41 30.20
C3 NAG D . 27.91 -4.63 30.56
C4 NAG D . 27.08 -3.65 29.77
C5 NAG D . 27.38 -3.73 28.28
C6 NAG D . 27.80 -2.36 27.73
C7 NAG D . 31.50 -4.92 31.22
C8 NAG D . 32.40 -6.04 31.63
N2 NAG D . 30.22 -5.24 31.02
O3 NAG D . 27.73 -4.42 31.96
O4 NAG D . 25.69 -3.92 29.99
O5 NAG D . 28.38 -4.73 27.96
O6 NAG D . 28.90 -1.84 28.48
O7 NAG D . 31.91 -3.79 31.08
#